data_3CBF
#
_entry.id   3CBF
#
_cell.length_a   55.279
_cell.length_b   93.243
_cell.length_c   150.880
_cell.angle_alpha   90.00
_cell.angle_beta   90.00
_cell.angle_gamma   90.00
#
_symmetry.space_group_name_H-M   'P 21 21 21'
#
loop_
_entity.id
_entity.type
_entity.pdbx_description
1 polymer 'Alpha-aminodipate aminotransferase'
2 non-polymer '(2S)-2-[({3-hydroxy-2-methyl-5-[(phosphonooxy)methyl]pyridin-4-yl}methyl)amino]hexanedioic acid'
3 water water
#
_entity_poly.entity_id   1
_entity_poly.type   'polypeptide(L)'
_entity_poly.pdbx_seq_one_letter_code
;MKPLSWSEAFGKGAGRIQASTIRELLKLTQRPGILSFAGGLPAPELFPKEEAAEAAARILREKGEVALQYSPTEGYAPLR
AFVAEWIGVRPEEVLITTGSQQALDLVGKVFLDEGSPVLLEAPSYMGAIQAFRLQGPRFLTVPAGEEGPDLDALEEVLKR
ERPRFLYLIPSFQNPTGGLTPLPARKRLLQMVMERGLVVVEDDAYRELYFGEARLPSLFELAREAGYPGVIYLGSFSKVL
SPGLRVAFAVAHPEALQKLVQAKQGADLHTPMLNQMLVHELLKEGFSERLERVRRVYREKAQAMLHALDREVPKEVRYTR
PKGGMFVWMELPKGLSAEGLFRRALEENVAFVPGGPFFANGGGENTLRLSYATLDREGIAEGVRRLGRALKGLLALV
;
_entity_poly.pdbx_strand_id   A,B
#
loop_
_chem_comp.id
_chem_comp.type
_chem_comp.name
_chem_comp.formula
N5F non-polymer '(2S)-2-[({3-hydroxy-2-methyl-5-[(phosphonooxy)methyl]pyridin-4-yl}methyl)amino]hexanedioic acid' 'C14 H21 N2 O9 P'
#
# COMPACT_ATOMS: atom_id res chain seq x y z
N SER A 5 -4.91 27.31 -6.62
CA SER A 5 -3.44 27.04 -6.71
C SER A 5 -3.28 25.53 -6.75
N TRP A 6 -3.32 24.86 -5.59
CA TRP A 6 -3.37 23.37 -5.54
C TRP A 6 -4.61 22.78 -6.23
N SER A 7 -5.78 23.38 -5.98
CA SER A 7 -7.00 22.90 -6.65
C SER A 7 -6.88 22.93 -8.19
N GLU A 8 -6.21 23.95 -8.72
CA GLU A 8 -5.94 24.06 -10.16
C GLU A 8 -4.88 23.05 -10.62
N ALA A 9 -3.90 22.79 -9.74
CA ALA A 9 -2.81 21.86 -10.02
C ALA A 9 -3.23 20.38 -9.97
N PHE A 10 -4.18 20.05 -9.09
CA PHE A 10 -4.66 18.68 -8.93
C PHE A 10 -5.25 18.10 -10.18
N GLY A 11 -5.16 16.77 -10.30
CA GLY A 11 -5.83 16.05 -11.38
C GLY A 11 -7.26 15.72 -10.98
N LYS A 12 -7.99 15.08 -11.90
CA LYS A 12 -9.38 14.74 -11.66
C LYS A 12 -9.54 13.80 -10.47
N GLY A 13 -8.50 13.01 -10.20
CA GLY A 13 -8.48 12.09 -9.05
C GLY A 13 -8.61 12.78 -7.71
N ALA A 14 -7.91 13.90 -7.54
CA ALA A 14 -8.02 14.67 -6.32
C ALA A 14 -9.47 15.09 -5.98
N GLY A 15 -10.28 15.37 -7.01
CA GLY A 15 -11.69 15.70 -6.79
C GLY A 15 -12.57 14.53 -6.38
N ARG A 16 -12.11 13.31 -6.67
CA ARG A 16 -12.86 12.13 -6.31
C ARG A 16 -12.35 11.56 -4.96
N ILE A 17 -11.26 12.14 -4.48
CA ILE A 17 -10.66 11.76 -3.19
C ILE A 17 -11.36 12.55 -2.07
N GLN A 18 -11.92 11.84 -1.09
CA GLN A 18 -12.48 12.44 0.14
C GLN A 18 -12.08 11.57 1.32
N ALA A 19 -12.04 12.16 2.51
CA ALA A 19 -11.67 11.42 3.70
C ALA A 19 -12.72 10.38 4.10
N SER A 20 -12.24 9.25 4.64
CA SER A 20 -13.07 8.23 5.25
C SER A 20 -13.42 8.64 6.68
N THR A 21 -14.71 8.63 7.02
CA THR A 21 -15.09 9.00 8.39
C THR A 21 -14.63 7.96 9.39
N ILE A 22 -14.57 6.69 9.00
CA ILE A 22 -14.00 5.69 9.89
C ILE A 22 -12.55 6.04 10.20
N ARG A 23 -11.80 6.40 9.17
CA ARG A 23 -10.36 6.62 9.36
C ARG A 23 -10.16 7.85 10.24
N GLU A 24 -10.98 8.87 9.98
CA GLU A 24 -10.93 10.13 10.75
C GLU A 24 -11.37 9.98 12.21
N LEU A 25 -12.35 9.09 12.45
CA LEU A 25 -12.87 8.87 13.81
C LEU A 25 -11.86 8.26 14.75
N LEU A 26 -10.93 7.48 14.20
CA LEU A 26 -9.91 6.83 15.04
C LEU A 26 -9.05 7.83 15.82
N LYS A 27 -8.85 9.02 15.24
CA LYS A 27 -8.11 10.12 15.88
C LYS A 27 -8.80 10.48 17.20
N LEU A 28 -10.13 10.50 17.15
CA LEU A 28 -10.96 10.73 18.35
C LEU A 28 -11.03 9.51 19.26
N THR A 29 -11.33 8.34 18.69
CA THR A 29 -11.69 7.20 19.55
C THR A 29 -10.51 6.57 20.26
N GLN A 30 -9.31 6.76 19.73
CA GLN A 30 -8.15 6.11 20.36
C GLN A 30 -7.72 6.82 21.65
N ARG A 31 -8.31 7.99 21.91
CA ARG A 31 -8.00 8.78 23.09
C ARG A 31 -8.71 8.22 24.31
N PRO A 32 -8.00 8.14 25.45
CA PRO A 32 -8.60 7.53 26.64
C PRO A 32 -9.84 8.32 27.12
N GLY A 33 -10.88 7.59 27.51
CA GLY A 33 -12.07 8.25 27.99
C GLY A 33 -13.24 8.11 27.03
N ILE A 34 -12.95 7.88 25.75
CA ILE A 34 -14.08 7.73 24.85
C ILE A 34 -14.43 6.26 24.69
N LEU A 35 -15.73 5.99 24.78
CA LEU A 35 -16.32 4.68 24.59
C LEU A 35 -16.64 4.50 23.10
N SER A 36 -15.88 3.64 22.43
CA SER A 36 -15.97 3.58 20.96
C SER A 36 -16.85 2.45 20.48
N PHE A 37 -17.90 2.81 19.77
CA PHE A 37 -18.66 1.89 18.90
C PHE A 37 -18.41 2.26 17.44
N ALA A 38 -17.24 2.86 17.16
CA ALA A 38 -16.97 3.44 15.84
C ALA A 38 -16.23 2.40 15.00
N GLY A 39 -14.94 2.61 14.73
CA GLY A 39 -14.19 1.67 13.92
C GLY A 39 -14.23 0.27 14.51
N GLY A 40 -14.34 -0.72 13.62
CA GLY A 40 -14.29 -2.14 14.02
C GLY A 40 -12.92 -2.58 14.48
N LEU A 41 -12.47 -2.03 15.62
CA LEU A 41 -11.15 -2.32 16.15
C LEU A 41 -11.24 -3.52 17.07
N PRO A 42 -10.51 -4.60 16.75
CA PRO A 42 -10.47 -5.81 17.56
C PRO A 42 -10.16 -5.57 19.01
N ALA A 43 -10.77 -6.43 19.81
CA ALA A 43 -10.59 -6.48 21.23
C ALA A 43 -9.10 -6.64 21.55
N PRO A 44 -8.51 -5.64 22.21
CA PRO A 44 -7.07 -5.60 22.54
C PRO A 44 -6.56 -6.81 23.33
N GLU A 45 -7.42 -7.45 24.12
CA GLU A 45 -6.94 -8.59 24.93
C GLU A 45 -6.86 -9.84 24.07
N LEU A 46 -7.38 -9.76 22.84
CA LEU A 46 -7.25 -10.85 21.88
C LEU A 46 -5.87 -10.83 21.22
N PHE A 47 -5.13 -9.72 21.38
CA PHE A 47 -3.77 -9.57 20.82
C PHE A 47 -2.78 -10.42 21.62
N PRO A 48 -2.09 -11.35 20.95
CA PRO A 48 -1.09 -12.21 21.59
C PRO A 48 0.27 -11.51 21.68
N LYS A 49 0.33 -10.48 22.52
CA LYS A 49 1.48 -9.60 22.66
C LYS A 49 2.78 -10.34 22.97
N GLU A 50 2.75 -11.19 23.99
CA GLU A 50 3.93 -11.93 24.40
C GLU A 50 4.41 -12.91 23.31
N GLU A 51 3.48 -13.65 22.72
CA GLU A 51 3.85 -14.61 21.68
C GLU A 51 4.39 -13.87 20.43
N ALA A 52 3.81 -12.72 20.11
CA ALA A 52 4.29 -11.89 19.00
C ALA A 52 5.70 -11.42 19.28
N ALA A 53 5.96 -10.98 20.50
CA ALA A 53 7.29 -10.46 20.86
C ALA A 53 8.36 -11.54 20.64
N GLU A 54 8.10 -12.75 21.15
CA GLU A 54 9.02 -13.88 20.98
C GLU A 54 9.23 -14.22 19.51
N ALA A 55 8.11 -14.29 18.74
CA ALA A 55 8.18 -14.65 17.32
C ALA A 55 8.88 -13.58 16.48
N ALA A 56 8.58 -12.31 16.72
CA ALA A 56 9.26 -11.22 15.98
C ALA A 56 10.75 -11.22 16.21
N ALA A 57 11.14 -11.36 17.49
CA ALA A 57 12.55 -11.40 17.88
C ALA A 57 13.28 -12.56 17.22
N ARG A 58 12.65 -13.74 17.20
CA ARG A 58 13.28 -14.93 16.60
C ARG A 58 13.39 -14.76 15.07
N ILE A 59 12.33 -14.26 14.45
CA ILE A 59 12.39 -13.99 13.01
C ILE A 59 13.57 -13.07 12.66
N LEU A 60 13.75 -12.00 13.42
CA LEU A 60 14.78 -11.01 13.09
C LEU A 60 16.18 -11.53 13.36
N ARG A 61 16.32 -12.26 14.48
CA ARG A 61 17.62 -12.89 14.80
C ARG A 61 18.03 -13.93 13.78
N GLU A 62 17.15 -14.87 13.49
CA GLU A 62 17.48 -16.02 12.63
C GLU A 62 17.33 -15.79 11.13
N LYS A 63 16.43 -14.88 10.78
CA LYS A 63 16.04 -14.65 9.39
C LYS A 63 16.03 -13.17 9.03
N GLY A 64 16.74 -12.34 9.80
CA GLY A 64 16.78 -10.89 9.55
C GLY A 64 17.18 -10.51 8.13
N GLU A 65 18.09 -11.27 7.53
CA GLU A 65 18.58 -10.94 6.18
C GLU A 65 17.48 -11.08 5.13
N VAL A 66 16.45 -11.85 5.47
CA VAL A 66 15.26 -12.00 4.64
C VAL A 66 14.18 -11.00 5.04
N ALA A 67 13.88 -10.96 6.35
CA ALA A 67 12.80 -10.12 6.88
C ALA A 67 13.00 -8.63 6.58
N LEU A 68 14.27 -8.22 6.53
CA LEU A 68 14.61 -6.79 6.48
C LEU A 68 14.95 -6.35 5.06
N GLN A 69 14.88 -7.29 4.11
CA GLN A 69 15.33 -7.09 2.74
C GLN A 69 14.12 -6.95 1.84
N TYR A 70 14.32 -6.36 0.66
CA TYR A 70 13.31 -6.43 -0.39
C TYR A 70 12.95 -7.87 -0.69
N SER A 71 11.68 -8.12 -1.03
CA SER A 71 11.19 -9.46 -1.30
C SER A 71 10.26 -9.46 -2.50
N PRO A 72 10.01 -10.62 -3.12
CA PRO A 72 9.08 -10.62 -4.25
C PRO A 72 7.68 -10.16 -3.90
N THR A 73 7.02 -9.57 -4.88
CA THR A 73 5.71 -8.97 -4.64
C THR A 73 4.64 -9.98 -4.16
N GLU A 74 4.70 -11.20 -4.69
CA GLU A 74 3.62 -12.17 -4.44
C GLU A 74 3.45 -12.50 -2.96
N GLY A 75 4.56 -12.47 -2.22
CA GLY A 75 4.50 -12.66 -0.77
C GLY A 75 5.42 -13.77 -0.27
N TYR A 76 5.56 -13.83 1.04
CA TYR A 76 6.33 -14.86 1.70
C TYR A 76 5.76 -16.25 1.44
N ALA A 77 6.59 -17.13 0.87
CA ALA A 77 6.10 -18.41 0.35
C ALA A 77 5.37 -19.30 1.35
N PRO A 78 5.96 -19.54 2.54
CA PRO A 78 5.19 -20.31 3.50
C PRO A 78 3.84 -19.71 3.91
N LEU A 79 3.72 -18.39 3.89
CA LEU A 79 2.42 -17.73 4.12
C LEU A 79 1.43 -17.99 3.00
N ARG A 80 1.87 -17.90 1.75
CA ARG A 80 0.99 -18.19 0.61
C ARG A 80 0.52 -19.65 0.71
N ALA A 81 1.44 -20.51 1.17
CA ALA A 81 1.15 -21.93 1.35
C ALA A 81 0.17 -22.20 2.48
N PHE A 82 0.33 -21.47 3.58
CA PHE A 82 -0.60 -21.51 4.72
C PHE A 82 -2.01 -21.10 4.28
N VAL A 83 -2.09 -19.93 3.64
CA VAL A 83 -3.36 -19.42 3.13
C VAL A 83 -4.03 -20.44 2.20
N ALA A 84 -3.27 -20.96 1.25
CA ALA A 84 -3.76 -21.98 0.30
C ALA A 84 -4.34 -23.21 1.00
N GLU A 85 -3.67 -23.67 2.05
CA GLU A 85 -4.13 -24.82 2.84
C GLU A 85 -5.45 -24.49 3.55
N TRP A 86 -5.51 -23.29 4.13
CA TRP A 86 -6.70 -22.80 4.85
C TRP A 86 -7.89 -22.59 3.91
N ILE A 87 -7.65 -21.90 2.80
CA ILE A 87 -8.74 -21.57 1.88
C ILE A 87 -9.14 -22.76 0.96
N GLY A 88 -8.17 -23.65 0.69
CA GLY A 88 -8.44 -24.81 -0.17
C GLY A 88 -8.05 -24.56 -1.61
N VAL A 89 -6.97 -23.83 -1.82
CA VAL A 89 -6.47 -23.52 -3.16
C VAL A 89 -4.98 -23.90 -3.22
N ARG A 90 -4.31 -23.54 -4.31
CA ARG A 90 -2.85 -23.66 -4.40
C ARG A 90 -2.14 -22.33 -4.10
N PRO A 91 -0.88 -22.42 -3.58
CA PRO A 91 -0.01 -21.27 -3.26
C PRO A 91 0.09 -20.25 -4.39
N GLU A 92 0.24 -20.71 -5.62
CA GLU A 92 0.36 -19.84 -6.80
C GLU A 92 -0.86 -18.96 -7.08
N GLU A 93 -2.00 -19.30 -6.45
CA GLU A 93 -3.25 -18.54 -6.60
C GLU A 93 -3.41 -17.45 -5.52
N VAL A 94 -2.44 -17.36 -4.62
CA VAL A 94 -2.52 -16.42 -3.52
C VAL A 94 -1.58 -15.22 -3.73
N LEU A 95 -2.10 -14.02 -3.51
CA LEU A 95 -1.32 -12.80 -3.41
C LEU A 95 -1.45 -12.22 -1.99
N ILE A 96 -0.34 -12.08 -1.28
CA ILE A 96 -0.32 -11.37 0.00
C ILE A 96 -0.39 -9.85 -0.22
N THR A 97 -1.32 -9.20 0.44
CA THR A 97 -1.54 -7.76 0.34
C THR A 97 -1.38 -7.06 1.67
N THR A 98 -1.31 -5.73 1.58
CA THR A 98 -1.03 -4.88 2.75
C THR A 98 -2.37 -4.49 3.36
N GLY A 99 -3.04 -5.50 3.93
CA GLY A 99 -4.42 -5.41 4.37
C GLY A 99 -5.33 -5.64 3.17
N SER A 100 -6.58 -5.99 3.43
CA SER A 100 -7.51 -6.26 2.32
C SER A 100 -7.89 -4.90 1.75
N GLN A 101 -7.71 -3.84 2.52
CA GLN A 101 -7.89 -2.48 1.94
C GLN A 101 -7.06 -2.32 0.64
N GLN A 102 -5.83 -2.80 0.64
CA GLN A 102 -5.03 -2.76 -0.60
C GLN A 102 -5.67 -3.55 -1.71
N ALA A 103 -6.21 -4.73 -1.38
CA ALA A 103 -6.84 -5.55 -2.42
C ALA A 103 -7.96 -4.76 -3.08
N LEU A 104 -8.71 -3.98 -2.30
CA LEU A 104 -9.80 -3.14 -2.85
C LEU A 104 -9.22 -2.09 -3.79
N ASP A 105 -8.14 -1.44 -3.38
CA ASP A 105 -7.45 -0.46 -4.23
C ASP A 105 -7.04 -1.14 -5.55
N LEU A 106 -6.51 -2.34 -5.45
CA LEU A 106 -5.96 -2.99 -6.64
C LEU A 106 -7.05 -3.42 -7.64
N VAL A 107 -8.16 -3.95 -7.12
CA VAL A 107 -9.27 -4.39 -7.99
C VAL A 107 -9.88 -3.17 -8.65
N GLY A 108 -9.94 -2.05 -7.93
CA GLY A 108 -10.36 -0.78 -8.57
C GLY A 108 -9.52 -0.41 -9.77
N LYS A 109 -8.20 -0.46 -9.58
CA LYS A 109 -7.25 -0.12 -10.65
C LYS A 109 -7.35 -1.05 -11.87
N VAL A 110 -7.51 -2.34 -11.60
CA VAL A 110 -7.52 -3.37 -12.65
C VAL A 110 -8.82 -3.37 -13.47
N PHE A 111 -9.97 -3.06 -12.84
CA PHE A 111 -11.28 -3.23 -13.45
C PHE A 111 -12.08 -1.96 -13.82
N LEU A 112 -11.78 -0.81 -13.21
CA LEU A 112 -12.63 0.38 -13.34
C LEU A 112 -11.94 1.49 -14.10
N ASP A 113 -12.73 2.19 -14.90
CA ASP A 113 -12.27 3.38 -15.61
C ASP A 113 -13.31 4.46 -15.39
N GLU A 114 -12.97 5.68 -15.77
CA GLU A 114 -13.93 6.77 -15.73
C GLU A 114 -15.24 6.37 -16.36
N GLY A 115 -16.31 6.51 -15.57
CA GLY A 115 -17.65 6.23 -16.04
C GLY A 115 -18.05 4.76 -16.11
N SER A 116 -17.12 3.85 -15.79
CA SER A 116 -17.45 2.42 -15.80
C SER A 116 -18.39 2.01 -14.67
N PRO A 117 -19.37 1.14 -14.96
CA PRO A 117 -20.28 0.74 -13.89
C PRO A 117 -19.66 -0.25 -12.89
N VAL A 118 -19.89 -0.03 -11.61
CA VAL A 118 -19.57 -1.01 -10.55
CA VAL A 118 -19.56 -1.03 -10.59
C VAL A 118 -20.80 -1.23 -9.73
N LEU A 119 -21.01 -2.47 -9.29
CA LEU A 119 -22.19 -2.74 -8.52
C LEU A 119 -21.80 -3.11 -7.10
N LEU A 120 -22.38 -2.42 -6.14
CA LEU A 120 -22.29 -2.82 -4.74
CA LEU A 120 -22.29 -2.83 -4.74
C LEU A 120 -23.62 -2.60 -4.01
N GLU A 121 -23.67 -3.00 -2.74
CA GLU A 121 -24.89 -2.83 -1.98
C GLU A 121 -25.01 -1.38 -1.48
N ALA A 122 -26.24 -0.98 -1.19
CA ALA A 122 -26.51 0.25 -0.45
C ALA A 122 -27.17 -0.17 0.87
N PRO A 123 -26.46 -0.04 2.01
CA PRO A 123 -25.09 0.44 2.21
C PRO A 123 -24.05 -0.64 1.95
N SER A 124 -22.80 -0.21 1.79
CA SER A 124 -21.69 -1.15 1.75
C SER A 124 -20.48 -0.53 2.47
N TYR A 125 -19.35 -1.22 2.45
CA TYR A 125 -18.16 -0.80 3.19
C TYR A 125 -17.58 0.50 2.61
N MET A 126 -17.48 1.54 3.44
CA MET A 126 -16.99 2.83 2.94
C MET A 126 -15.56 2.81 2.40
N GLY A 127 -14.71 1.92 2.91
CA GLY A 127 -13.35 1.80 2.39
C GLY A 127 -13.31 1.29 0.96
N ALA A 128 -14.24 0.39 0.61
CA ALA A 128 -14.38 -0.09 -0.76
C ALA A 128 -14.89 1.07 -1.63
N ILE A 129 -15.93 1.78 -1.18
CA ILE A 129 -16.47 2.93 -1.96
C ILE A 129 -15.34 3.93 -2.25
N GLN A 130 -14.54 4.23 -1.23
CA GLN A 130 -13.47 5.23 -1.30
C GLN A 130 -12.38 4.77 -2.29
N ALA A 131 -11.94 3.51 -2.15
CA ALA A 131 -10.97 2.91 -3.10
C ALA A 131 -11.48 2.96 -4.52
N PHE A 132 -12.74 2.57 -4.73
CA PHE A 132 -13.32 2.54 -6.09
C PHE A 132 -13.54 3.92 -6.69
N ARG A 133 -13.97 4.86 -5.83
CA ARG A 133 -14.31 6.22 -6.25
C ARG A 133 -13.19 6.93 -7.01
N LEU A 134 -11.97 6.63 -6.59
CA LEU A 134 -10.74 7.13 -7.21
C LEU A 134 -10.70 6.99 -8.73
N GLN A 135 -11.34 5.93 -9.24
CA GLN A 135 -11.26 5.61 -10.68
C GLN A 135 -12.36 6.29 -11.46
N GLY A 136 -13.24 6.99 -10.75
CA GLY A 136 -14.36 7.69 -11.40
C GLY A 136 -15.51 6.83 -11.91
N PRO A 137 -15.83 5.73 -11.22
CA PRO A 137 -16.84 4.84 -11.76
C PRO A 137 -18.25 5.37 -11.50
N ARG A 138 -19.23 4.75 -12.15
CA ARG A 138 -20.62 4.95 -11.80
C ARG A 138 -21.04 3.83 -10.86
N PHE A 139 -21.42 4.21 -9.63
CA PHE A 139 -21.91 3.23 -8.67
C PHE A 139 -23.36 2.87 -8.97
N LEU A 140 -23.59 1.58 -9.21
CA LEU A 140 -24.92 1.01 -9.26
C LEU A 140 -25.10 0.32 -7.92
N THR A 141 -26.26 0.52 -7.30
CA THR A 141 -26.51 -0.10 -6.02
C THR A 141 -27.76 -0.97 -6.01
N VAL A 142 -27.76 -1.92 -5.08
CA VAL A 142 -28.98 -2.64 -4.69
C VAL A 142 -29.08 -2.60 -3.16
N PRO A 143 -30.32 -2.55 -2.62
CA PRO A 143 -30.46 -2.60 -1.14
C PRO A 143 -29.90 -3.87 -0.49
N ALA A 144 -29.33 -3.69 0.69
CA ALA A 144 -28.86 -4.81 1.50
C ALA A 144 -29.60 -4.83 2.83
N GLY A 145 -29.85 -6.03 3.33
CA GLY A 145 -30.53 -6.23 4.61
C GLY A 145 -29.87 -7.34 5.41
N GLU A 146 -30.59 -7.81 6.43
CA GLU A 146 -30.21 -8.93 7.29
C GLU A 146 -29.89 -10.22 6.52
N GLU A 147 -30.53 -10.39 5.36
CA GLU A 147 -30.35 -11.53 4.47
C GLU A 147 -29.54 -11.23 3.20
N GLY A 148 -28.82 -10.11 3.21
CA GLY A 148 -27.91 -9.78 2.12
C GLY A 148 -28.59 -8.92 1.07
N PRO A 149 -28.05 -8.93 -0.14
CA PRO A 149 -28.56 -8.08 -1.20
C PRO A 149 -29.92 -8.48 -1.72
N ASP A 150 -30.65 -7.49 -2.20
CA ASP A 150 -31.95 -7.72 -2.83
C ASP A 150 -31.72 -8.28 -4.23
N LEU A 151 -32.01 -9.56 -4.40
CA LEU A 151 -31.67 -10.26 -5.66
C LEU A 151 -32.63 -9.94 -6.79
N ASP A 152 -33.87 -9.61 -6.45
CA ASP A 152 -34.84 -9.11 -7.44
C ASP A 152 -34.37 -7.77 -8.00
N ALA A 153 -33.92 -6.89 -7.11
CA ALA A 153 -33.32 -5.63 -7.49
C ALA A 153 -32.06 -5.90 -8.32
N LEU A 154 -31.24 -6.86 -7.91
CA LEU A 154 -30.03 -7.15 -8.68
C LEU A 154 -30.36 -7.55 -10.13
N GLU A 155 -31.31 -8.47 -10.25
CA GLU A 155 -31.81 -8.92 -11.56
C GLU A 155 -32.17 -7.75 -12.47
N GLU A 156 -32.83 -6.73 -11.93
CA GLU A 156 -33.28 -5.58 -12.72
C GLU A 156 -32.12 -4.73 -13.19
N VAL A 157 -31.10 -4.59 -12.34
CA VAL A 157 -29.87 -3.87 -12.71
C VAL A 157 -29.18 -4.57 -13.89
N LEU A 158 -29.05 -5.90 -13.77
CA LEU A 158 -28.30 -6.75 -14.70
C LEU A 158 -28.93 -6.88 -16.10
N LYS A 159 -30.24 -6.68 -16.19
CA LYS A 159 -30.93 -6.63 -17.49
C LYS A 159 -30.49 -5.43 -18.32
N ARG A 160 -30.06 -4.36 -17.63
CA ARG A 160 -29.78 -3.08 -18.26
C ARG A 160 -28.33 -2.61 -18.19
N GLU A 161 -27.59 -3.17 -17.25
CA GLU A 161 -26.22 -2.74 -16.99
C GLU A 161 -25.30 -3.93 -16.90
N ARG A 162 -24.06 -3.75 -17.34
CA ARG A 162 -23.04 -4.77 -17.20
C ARG A 162 -21.92 -4.24 -16.29
N PRO A 163 -21.99 -4.53 -14.97
CA PRO A 163 -21.02 -3.98 -14.03
C PRO A 163 -19.64 -4.60 -14.25
N ARG A 164 -18.59 -3.82 -14.03
CA ARG A 164 -17.22 -4.32 -14.21
C ARG A 164 -16.93 -5.43 -13.19
N PHE A 165 -17.50 -5.28 -12.00
CA PHE A 165 -17.60 -6.37 -11.05
C PHE A 165 -18.70 -6.09 -10.06
N LEU A 166 -19.08 -7.10 -9.28
CA LEU A 166 -20.04 -6.92 -8.19
C LEU A 166 -19.20 -7.05 -6.95
N TYR A 167 -19.25 -6.05 -6.09
CA TYR A 167 -18.54 -6.10 -4.82
C TYR A 167 -19.53 -6.53 -3.69
N LEU A 168 -19.25 -7.64 -3.02
CA LEU A 168 -20.20 -8.20 -2.04
C LEU A 168 -19.48 -8.67 -0.81
N ILE A 169 -20.19 -8.64 0.33
CA ILE A 169 -19.63 -9.11 1.61
C ILE A 169 -20.66 -10.07 2.22
N PRO A 170 -20.75 -11.29 1.69
CA PRO A 170 -21.90 -12.15 2.01
C PRO A 170 -21.97 -12.58 3.47
N SER A 171 -20.82 -12.60 4.13
CA SER A 171 -20.75 -13.06 5.53
C SER A 171 -20.48 -11.93 6.53
N PHE A 172 -21.55 -11.49 7.19
CA PHE A 172 -21.54 -10.45 8.23
C PHE A 172 -21.14 -9.12 7.61
N GLN A 173 -21.98 -8.67 6.67
CA GLN A 173 -21.69 -7.50 5.88
C GLN A 173 -21.37 -6.27 6.73
N ASN A 174 -20.42 -5.49 6.24
CA ASN A 174 -20.17 -4.16 6.73
C ASN A 174 -20.96 -3.18 5.84
N PRO A 175 -21.89 -2.42 6.43
CA PRO A 175 -22.16 -2.21 7.85
C PRO A 175 -23.38 -2.90 8.44
N THR A 176 -24.17 -3.61 7.64
CA THR A 176 -25.48 -4.11 8.13
C THR A 176 -25.43 -5.30 9.06
N GLY A 177 -24.32 -6.04 9.04
CA GLY A 177 -24.19 -7.31 9.74
C GLY A 177 -24.85 -8.48 9.03
N GLY A 178 -25.45 -8.22 7.88
CA GLY A 178 -26.25 -9.23 7.20
C GLY A 178 -25.49 -10.47 6.78
N LEU A 179 -26.21 -11.58 6.79
CA LEU A 179 -25.71 -12.86 6.34
CA LEU A 179 -25.68 -12.84 6.30
C LEU A 179 -26.51 -13.29 5.11
N THR A 180 -25.87 -13.36 3.96
CA THR A 180 -26.54 -13.84 2.75
C THR A 180 -26.72 -15.37 2.91
N PRO A 181 -27.98 -15.87 2.94
CA PRO A 181 -28.17 -17.32 3.15
C PRO A 181 -27.73 -18.18 1.96
N LEU A 182 -27.51 -19.47 2.21
CA LEU A 182 -26.98 -20.35 1.16
C LEU A 182 -27.83 -20.39 -0.12
N PRO A 183 -29.18 -20.50 0.01
CA PRO A 183 -29.97 -20.44 -1.21
C PRO A 183 -29.77 -19.17 -2.04
N ALA A 184 -29.65 -18.03 -1.37
CA ALA A 184 -29.37 -16.76 -2.04
C ALA A 184 -27.96 -16.75 -2.67
N ARG A 185 -26.99 -17.36 -1.99
CA ARG A 185 -25.63 -17.47 -2.54
C ARG A 185 -25.67 -18.26 -3.86
N LYS A 186 -26.49 -19.30 -3.88
CA LYS A 186 -26.56 -20.20 -5.03
C LYS A 186 -27.24 -19.48 -6.17
N ARG A 187 -28.29 -18.72 -5.87
CA ARG A 187 -28.97 -17.89 -6.86
C ARG A 187 -28.07 -16.83 -7.48
N LEU A 188 -27.30 -16.18 -6.62
CA LEU A 188 -26.37 -15.12 -7.04
C LEU A 188 -25.34 -15.72 -7.95
N LEU A 189 -24.80 -16.87 -7.57
CA LEU A 189 -23.84 -17.55 -8.42
C LEU A 189 -24.44 -17.84 -9.80
N GLN A 190 -25.71 -18.27 -9.86
CA GLN A 190 -26.35 -18.50 -11.15
C GLN A 190 -26.44 -17.25 -12.03
N MET A 191 -26.83 -16.13 -11.45
CA MET A 191 -26.93 -14.86 -12.18
C MET A 191 -25.57 -14.46 -12.75
N VAL A 192 -24.54 -14.55 -11.91
CA VAL A 192 -23.17 -14.20 -12.27
C VAL A 192 -22.65 -15.10 -13.39
N MET A 193 -22.87 -16.40 -13.25
CA MET A 193 -22.44 -17.37 -14.26
C MET A 193 -23.14 -17.21 -15.60
N GLU A 194 -24.44 -16.96 -15.58
CA GLU A 194 -25.22 -16.76 -16.81
C GLU A 194 -24.73 -15.57 -17.62
N ARG A 195 -24.26 -14.53 -16.94
CA ARG A 195 -23.86 -13.30 -17.61
C ARG A 195 -22.35 -13.13 -17.66
N GLY A 196 -21.62 -14.13 -17.15
CA GLY A 196 -20.16 -14.09 -17.11
C GLY A 196 -19.60 -12.86 -16.42
N LEU A 197 -20.10 -12.61 -15.20
CA LEU A 197 -19.72 -11.44 -14.40
C LEU A 197 -18.62 -11.80 -13.42
N VAL A 198 -17.90 -10.74 -12.99
CA VAL A 198 -16.82 -10.87 -12.04
C VAL A 198 -17.39 -10.48 -10.68
N VAL A 199 -17.05 -11.26 -9.65
CA VAL A 199 -17.45 -10.92 -8.28
C VAL A 199 -16.19 -10.68 -7.49
N VAL A 200 -16.19 -9.60 -6.70
CA VAL A 200 -15.17 -9.40 -5.68
C VAL A 200 -15.84 -9.72 -4.35
N GLU A 201 -15.44 -10.83 -3.76
CA GLU A 201 -16.01 -11.28 -2.48
C GLU A 201 -15.10 -10.96 -1.30
N ASP A 202 -15.57 -10.08 -0.43
CA ASP A 202 -14.73 -9.59 0.65
C ASP A 202 -15.12 -10.40 1.86
N ASP A 203 -14.23 -11.31 2.31
CA ASP A 203 -14.59 -12.20 3.42
C ASP A 203 -13.83 -11.85 4.71
N ALA A 204 -13.75 -10.55 5.01
CA ALA A 204 -12.97 -10.10 6.18
C ALA A 204 -13.43 -10.78 7.48
N TYR A 205 -14.72 -11.07 7.56
CA TYR A 205 -15.40 -11.59 8.76
C TYR A 205 -15.67 -13.09 8.70
N ARG A 206 -15.04 -13.78 7.74
CA ARG A 206 -15.23 -15.23 7.45
C ARG A 206 -15.29 -16.06 8.71
N GLU A 207 -14.29 -15.87 9.56
CA GLU A 207 -14.16 -16.76 10.70
C GLU A 207 -14.88 -16.29 11.95
N LEU A 208 -15.57 -15.16 11.86
CA LEU A 208 -16.23 -14.57 13.04
C LEU A 208 -17.71 -14.95 13.11
N TYR A 209 -18.04 -16.17 12.71
CA TYR A 209 -19.44 -16.66 12.81
C TYR A 209 -19.80 -17.07 14.24
N PHE A 210 -21.05 -16.83 14.65
CA PHE A 210 -21.45 -17.12 16.02
C PHE A 210 -22.12 -18.48 16.19
N GLY A 211 -22.68 -19.00 15.10
CA GLY A 211 -23.33 -20.31 15.07
C GLY A 211 -22.38 -21.49 15.03
N GLU A 212 -22.89 -22.68 14.66
CA GLU A 212 -22.07 -23.89 14.68
C GLU A 212 -21.11 -23.96 13.51
N ALA A 213 -21.50 -23.35 12.39
CA ALA A 213 -20.61 -23.34 11.22
C ALA A 213 -20.78 -22.16 10.26
N ARG A 214 -19.79 -21.98 9.40
CA ARG A 214 -19.87 -20.96 8.33
C ARG A 214 -20.53 -21.45 7.05
N LEU A 215 -21.14 -20.51 6.33
CA LEU A 215 -21.70 -20.83 5.02
C LEU A 215 -20.61 -20.88 3.96
N PRO A 216 -20.81 -21.71 2.92
CA PRO A 216 -19.85 -21.77 1.82
C PRO A 216 -19.76 -20.38 1.22
N SER A 217 -18.56 -19.96 0.85
CA SER A 217 -18.35 -18.66 0.24
C SER A 217 -18.79 -18.74 -1.21
N LEU A 218 -19.08 -17.59 -1.81
CA LEU A 218 -19.32 -17.53 -3.27
C LEU A 218 -18.12 -18.12 -4.02
N PHE A 219 -16.92 -17.83 -3.53
CA PHE A 219 -15.71 -18.40 -4.12
C PHE A 219 -15.75 -19.96 -4.11
N GLU A 220 -16.09 -20.53 -2.96
CA GLU A 220 -16.19 -21.99 -2.83
C GLU A 220 -17.26 -22.54 -3.78
N LEU A 221 -18.44 -21.92 -3.79
CA LEU A 221 -19.53 -22.34 -4.70
C LEU A 221 -19.08 -22.24 -6.16
N ALA A 222 -18.44 -21.12 -6.51
CA ALA A 222 -17.89 -20.91 -7.86
C ALA A 222 -16.90 -21.99 -8.28
N ARG A 223 -15.97 -22.30 -7.37
CA ARG A 223 -14.91 -23.27 -7.59
C ARG A 223 -15.52 -24.66 -7.83
N GLU A 224 -16.58 -24.97 -7.08
CA GLU A 224 -17.27 -26.27 -7.20
C GLU A 224 -17.90 -26.40 -8.58
N ALA A 225 -18.44 -25.29 -9.06
CA ALA A 225 -19.09 -25.24 -10.37
C ALA A 225 -18.09 -25.06 -11.53
N GLY A 226 -16.83 -24.76 -11.21
CA GLY A 226 -15.76 -24.53 -12.21
C GLY A 226 -15.80 -23.14 -12.81
N TYR A 227 -16.42 -22.20 -12.11
CA TYR A 227 -16.50 -20.82 -12.60
C TYR A 227 -15.30 -20.05 -12.06
N PRO A 228 -14.54 -19.38 -12.96
CA PRO A 228 -13.32 -18.71 -12.54
C PRO A 228 -13.45 -17.23 -12.11
N GLY A 229 -14.67 -16.70 -12.08
CA GLY A 229 -14.88 -15.26 -11.97
C GLY A 229 -15.02 -14.65 -10.57
N VAL A 230 -14.73 -15.40 -9.52
CA VAL A 230 -14.79 -14.82 -8.17
C VAL A 230 -13.39 -14.54 -7.66
N ILE A 231 -13.15 -13.27 -7.34
CA ILE A 231 -11.91 -12.83 -6.73
C ILE A 231 -12.19 -12.79 -5.23
N TYR A 232 -11.46 -13.60 -4.46
CA TYR A 232 -11.74 -13.81 -3.06
C TYR A 232 -10.73 -13.09 -2.17
N LEU A 233 -11.25 -12.27 -1.27
CA LEU A 233 -10.41 -11.47 -0.37
C LEU A 233 -10.61 -11.94 1.06
N GLY A 234 -9.48 -12.05 1.75
CA GLY A 234 -9.47 -12.35 3.21
C GLY A 234 -8.40 -11.49 3.90
N SER A 235 -8.42 -11.53 5.24
CA SER A 235 -7.51 -10.69 6.02
C SER A 235 -7.19 -11.34 7.35
N PHE A 236 -6.00 -11.07 7.83
CA PHE A 236 -5.65 -11.45 9.18
C PHE A 236 -6.03 -10.40 10.20
N SER A 237 -6.61 -9.30 9.75
CA SER A 237 -6.94 -8.20 10.64
C SER A 237 -7.92 -8.56 11.76
N LYS A 238 -9.00 -9.27 11.44
CA LYS A 238 -10.02 -9.47 12.47
CA LYS A 238 -10.06 -9.50 12.43
C LYS A 238 -9.76 -10.72 13.29
N VAL A 239 -8.78 -11.52 12.86
CA VAL A 239 -8.43 -12.77 13.55
C VAL A 239 -7.10 -12.80 14.29
N LEU A 240 -6.25 -11.79 14.06
CA LEU A 240 -4.90 -11.75 14.67
C LEU A 240 -4.48 -10.32 15.04
N SER A 241 -4.18 -9.51 14.02
CA SER A 241 -3.75 -8.11 14.24
C SER A 241 -4.05 -7.28 13.02
N PRO A 242 -4.89 -6.23 13.19
CA PRO A 242 -5.12 -5.29 12.10
C PRO A 242 -3.87 -4.44 11.84
N GLY A 243 -3.15 -4.10 12.90
CA GLY A 243 -1.97 -3.23 12.79
C GLY A 243 -0.83 -3.78 11.97
N LEU A 244 -0.79 -5.10 11.80
CA LEU A 244 0.26 -5.73 11.04
C LEU A 244 0.09 -5.51 9.54
N ARG A 245 -1.15 -5.28 9.09
CA ARG A 245 -1.49 -4.99 7.69
C ARG A 245 -1.12 -6.17 6.78
N VAL A 246 -1.72 -7.34 7.03
CA VAL A 246 -1.42 -8.55 6.23
C VAL A 246 -2.71 -9.24 5.87
N ALA A 247 -2.95 -9.38 4.56
CA ALA A 247 -4.15 -9.97 4.08
C ALA A 247 -3.83 -10.71 2.77
N PHE A 248 -4.87 -11.11 2.04
CA PHE A 248 -4.65 -11.90 0.82
C PHE A 248 -5.79 -11.75 -0.17
N ALA A 249 -5.42 -11.92 -1.44
CA ALA A 249 -6.37 -12.09 -2.55
C ALA A 249 -6.09 -13.44 -3.18
N VAL A 250 -7.17 -14.15 -3.51
CA VAL A 250 -7.08 -15.41 -4.25
C VAL A 250 -7.88 -15.20 -5.54
N ALA A 251 -7.26 -15.53 -6.67
CA ALA A 251 -7.92 -15.33 -7.95
C ALA A 251 -7.30 -16.20 -9.05
N HIS A 252 -8.06 -16.34 -10.13
CA HIS A 252 -7.60 -16.96 -11.38
C HIS A 252 -6.29 -16.29 -11.81
N PRO A 253 -5.33 -17.07 -12.32
CA PRO A 253 -4.00 -16.56 -12.72
C PRO A 253 -3.94 -15.29 -13.55
N GLU A 254 -4.85 -15.11 -14.52
CA GLU A 254 -4.81 -13.86 -15.29
C GLU A 254 -5.17 -12.68 -14.43
N ALA A 255 -6.19 -12.83 -13.59
CA ALA A 255 -6.59 -11.75 -12.68
C ALA A 255 -5.47 -11.52 -11.66
N LEU A 256 -4.99 -12.61 -11.09
CA LEU A 256 -3.96 -12.50 -10.07
C LEU A 256 -2.73 -11.77 -10.62
N GLN A 257 -2.34 -12.06 -11.86
CA GLN A 257 -1.15 -11.40 -12.43
C GLN A 257 -1.29 -9.87 -12.52
N LYS A 258 -2.47 -9.40 -12.95
CA LYS A 258 -2.70 -7.98 -13.04
C LYS A 258 -2.71 -7.33 -11.65
N LEU A 259 -3.28 -8.03 -10.68
CA LEU A 259 -3.23 -7.57 -9.29
C LEU A 259 -1.78 -7.48 -8.78
N VAL A 260 -0.98 -8.51 -9.08
CA VAL A 260 0.46 -8.45 -8.78
C VAL A 260 1.18 -7.26 -9.42
N GLN A 261 0.95 -7.02 -10.70
CA GLN A 261 1.67 -5.95 -11.39
C GLN A 261 1.21 -4.60 -10.82
N ALA A 262 -0.09 -4.47 -10.55
CA ALA A 262 -0.59 -3.24 -9.91
C ALA A 262 0.05 -3.08 -8.51
N LYS A 263 0.18 -4.16 -7.76
CA LYS A 263 0.80 -4.07 -6.43
C LYS A 263 2.27 -3.62 -6.48
N GLN A 264 2.98 -4.04 -7.53
CA GLN A 264 4.38 -3.64 -7.67
C GLN A 264 4.46 -2.14 -7.65
N GLY A 265 3.57 -1.49 -8.41
CA GLY A 265 3.52 -0.02 -8.42
C GLY A 265 2.96 0.64 -7.16
N ALA A 266 2.15 -0.09 -6.40
CA ALA A 266 1.53 0.44 -5.18
C ALA A 266 2.48 0.51 -3.98
N ASP A 267 3.25 -0.54 -3.76
CA ASP A 267 4.15 -0.61 -2.54
C ASP A 267 5.36 -1.56 -2.63
N LEU A 268 5.61 -2.06 -3.84
CA LEU A 268 6.57 -3.13 -4.12
C LEU A 268 6.08 -4.45 -3.54
N HIS A 269 6.08 -4.54 -2.21
CA HIS A 269 5.68 -5.75 -1.53
C HIS A 269 5.24 -5.40 -0.11
N THR A 270 4.34 -6.22 0.42
CA THR A 270 3.95 -6.16 1.84
C THR A 270 5.18 -6.42 2.71
N PRO A 271 5.36 -5.66 3.82
CA PRO A 271 6.58 -5.89 4.60
C PRO A 271 6.76 -7.33 5.05
N MET A 272 8.00 -7.77 4.96
CA MET A 272 8.32 -9.16 5.11
C MET A 272 8.23 -9.65 6.57
N LEU A 273 8.74 -8.86 7.50
CA LEU A 273 8.65 -9.20 8.92
C LEU A 273 7.20 -9.55 9.26
N ASN A 274 6.29 -8.72 8.77
CA ASN A 274 4.89 -8.82 9.12
C ASN A 274 4.30 -10.17 8.63
N GLN A 275 4.66 -10.57 7.41
CA GLN A 275 4.17 -11.81 6.83
C GLN A 275 4.72 -13.02 7.58
N MET A 276 6.02 -12.99 7.86
CA MET A 276 6.69 -14.05 8.61
C MET A 276 6.12 -14.17 10.04
N LEU A 277 5.81 -13.04 10.63
CA LEU A 277 5.24 -12.97 11.99
C LEU A 277 3.83 -13.57 12.02
N VAL A 278 3.00 -13.22 11.02
CA VAL A 278 1.67 -13.82 10.93
C VAL A 278 1.79 -15.32 10.81
N HIS A 279 2.68 -15.77 9.92
CA HIS A 279 2.89 -17.20 9.71
C HIS A 279 3.32 -17.90 11.00
N GLU A 280 4.32 -17.33 11.68
CA GLU A 280 4.84 -17.94 12.91
C GLU A 280 3.79 -18.04 14.00
N LEU A 281 2.91 -17.04 14.06
CA LEU A 281 1.87 -16.99 15.10
C LEU A 281 0.74 -17.99 14.86
N LEU A 282 0.52 -18.34 13.60
CA LEU A 282 -0.64 -19.13 13.21
C LEU A 282 -0.32 -20.55 12.78
N LYS A 283 0.95 -20.87 12.59
CA LYS A 283 1.30 -22.19 12.01
C LYS A 283 0.86 -23.36 12.91
N GLU A 284 0.76 -23.11 14.21
CA GLU A 284 0.17 -24.08 15.14
C GLU A 284 -0.95 -23.42 15.93
N GLY A 285 -2.07 -24.14 16.10
CA GLY A 285 -3.14 -23.70 16.99
C GLY A 285 -4.12 -22.70 16.38
N PHE A 286 -4.14 -22.62 15.05
CA PHE A 286 -5.03 -21.67 14.39
C PHE A 286 -6.52 -21.96 14.69
N SER A 287 -6.93 -23.23 14.57
CA SER A 287 -8.33 -23.59 14.88
C SER A 287 -8.73 -23.17 16.29
N GLU A 288 -7.87 -23.45 17.26
CA GLU A 288 -8.09 -23.10 18.66
C GLU A 288 -8.17 -21.59 18.88
N ARG A 289 -7.29 -20.83 18.23
CA ARG A 289 -7.38 -19.37 18.26
C ARG A 289 -8.69 -18.88 17.67
N LEU A 290 -9.09 -19.44 16.53
CA LEU A 290 -10.37 -19.09 15.90
C LEU A 290 -11.59 -19.31 16.82
N GLU A 291 -11.67 -20.48 17.43
CA GLU A 291 -12.71 -20.79 18.42
C GLU A 291 -12.77 -19.72 19.53
N ARG A 292 -11.61 -19.29 19.99
CA ARG A 292 -11.54 -18.27 21.04
C ARG A 292 -12.03 -16.89 20.53
N VAL A 293 -11.62 -16.53 19.31
CA VAL A 293 -12.03 -15.28 18.66
C VAL A 293 -13.56 -15.24 18.51
N ARG A 294 -14.12 -16.32 18.00
CA ARG A 294 -15.56 -16.48 17.91
C ARG A 294 -16.30 -16.30 19.24
N ARG A 295 -15.78 -16.92 20.29
CA ARG A 295 -16.37 -16.80 21.64
C ARG A 295 -16.39 -15.35 22.13
N VAL A 296 -15.27 -14.67 21.93
CA VAL A 296 -15.13 -13.30 22.40
C VAL A 296 -16.12 -12.36 21.72
N TYR A 297 -16.24 -12.48 20.39
CA TYR A 297 -17.16 -11.62 19.67
C TYR A 297 -18.63 -11.97 19.88
N ARG A 298 -18.93 -13.25 20.00
CA ARG A 298 -20.28 -13.70 20.34
C ARG A 298 -20.70 -13.06 21.66
N GLU A 299 -19.84 -13.14 22.67
CA GLU A 299 -20.11 -12.57 23.98
C GLU A 299 -20.37 -11.05 23.92
N LYS A 300 -19.55 -10.33 23.16
CA LYS A 300 -19.70 -8.89 23.03
CA LYS A 300 -19.70 -8.89 23.02
C LYS A 300 -21.00 -8.57 22.31
N ALA A 301 -21.32 -9.37 21.30
CA ALA A 301 -22.57 -9.23 20.53
C ALA A 301 -23.78 -9.42 21.44
N GLN A 302 -23.69 -10.43 22.30
CA GLN A 302 -24.77 -10.76 23.25
C GLN A 302 -24.99 -9.60 24.22
N ALA A 303 -23.89 -9.07 24.74
CA ALA A 303 -23.90 -7.91 25.62
C ALA A 303 -24.51 -6.70 24.92
N MET A 304 -24.12 -6.47 23.66
CA MET A 304 -24.61 -5.35 22.88
C MET A 304 -26.12 -5.44 22.67
N LEU A 305 -26.59 -6.62 22.27
CA LEU A 305 -28.01 -6.83 22.03
C LEU A 305 -28.83 -6.73 23.32
N HIS A 306 -28.30 -7.29 24.41
CA HIS A 306 -28.93 -7.21 25.74
C HIS A 306 -29.19 -5.75 26.09
N ALA A 307 -28.16 -4.92 25.92
CA ALA A 307 -28.22 -3.51 26.28
C ALA A 307 -29.10 -2.67 25.34
N LEU A 308 -29.04 -2.94 24.03
CA LEU A 308 -29.93 -2.28 23.09
C LEU A 308 -31.42 -2.60 23.35
N ASP A 309 -31.73 -3.87 23.62
CA ASP A 309 -33.10 -4.29 23.88
C ASP A 309 -33.65 -3.56 25.10
N ARG A 310 -32.78 -3.30 26.07
CA ARG A 310 -33.16 -2.67 27.31
C ARG A 310 -33.11 -1.12 27.35
N GLU A 311 -32.20 -0.51 26.57
CA GLU A 311 -31.98 0.95 26.61
C GLU A 311 -32.59 1.73 25.45
N VAL A 312 -32.91 1.03 24.37
CA VAL A 312 -33.33 1.69 23.14
C VAL A 312 -34.85 1.65 22.98
N PRO A 313 -35.49 2.82 22.74
CA PRO A 313 -36.93 2.86 22.48
C PRO A 313 -37.33 2.02 21.27
N LYS A 314 -38.59 1.59 21.24
CA LYS A 314 -39.02 0.57 20.29
C LYS A 314 -39.31 1.11 18.88
N GLU A 315 -39.36 2.44 18.74
CA GLU A 315 -39.49 3.08 17.44
C GLU A 315 -38.21 2.95 16.62
N VAL A 316 -37.09 2.71 17.29
CA VAL A 316 -35.84 2.59 16.55
C VAL A 316 -35.55 1.13 16.20
N ARG A 317 -35.02 0.91 15.00
CA ARG A 317 -34.81 -0.46 14.52
C ARG A 317 -33.33 -0.74 14.42
N TYR A 318 -32.95 -1.98 14.69
CA TYR A 318 -31.55 -2.37 14.59
C TYR A 318 -31.40 -3.87 14.31
N THR A 319 -30.38 -4.18 13.50
CA THR A 319 -30.14 -5.54 13.04
C THR A 319 -29.60 -6.38 14.20
N ARG A 320 -29.69 -7.69 14.07
CA ARG A 320 -29.22 -8.59 15.11
C ARG A 320 -28.23 -9.53 14.44
N PRO A 321 -26.95 -9.34 14.73
CA PRO A 321 -25.96 -10.02 13.88
C PRO A 321 -25.82 -11.50 14.22
N LYS A 322 -25.52 -12.32 13.21
CA LYS A 322 -25.14 -13.72 13.48
C LYS A 322 -23.64 -13.97 13.42
N GLY A 323 -22.90 -12.87 13.35
CA GLY A 323 -21.46 -12.92 13.25
C GLY A 323 -20.91 -11.53 13.07
N GLY A 324 -19.60 -11.42 12.91
CA GLY A 324 -18.96 -10.13 12.65
C GLY A 324 -18.93 -9.19 13.84
N MET A 325 -18.90 -7.90 13.57
CA MET A 325 -18.54 -6.86 14.54
CA MET A 325 -18.61 -6.94 14.65
C MET A 325 -19.59 -5.77 14.69
N PHE A 326 -20.62 -5.81 13.84
CA PHE A 326 -21.53 -4.67 13.71
C PHE A 326 -23.04 -4.90 13.96
N VAL A 327 -23.67 -3.86 14.49
CA VAL A 327 -25.11 -3.71 14.52
C VAL A 327 -25.42 -2.44 13.71
N TRP A 328 -26.47 -2.50 12.90
CA TRP A 328 -26.87 -1.40 12.01
C TRP A 328 -28.22 -0.88 12.49
N MET A 329 -28.27 0.43 12.71
CA MET A 329 -29.44 1.07 13.32
C MET A 329 -30.10 2.06 12.37
N GLU A 330 -31.43 2.03 12.35
CA GLU A 330 -32.26 2.89 11.53
C GLU A 330 -33.12 3.76 12.46
N LEU A 331 -32.94 5.08 12.40
CA LEU A 331 -33.73 5.99 13.23
C LEU A 331 -35.05 6.31 12.53
N PRO A 332 -36.15 6.44 13.30
CA PRO A 332 -37.46 6.71 12.69
C PRO A 332 -37.47 8.00 11.87
N LYS A 333 -37.49 7.84 10.54
CA LYS A 333 -37.40 8.93 9.56
C LYS A 333 -37.85 10.28 10.14
N GLY A 334 -36.88 11.16 10.36
CA GLY A 334 -37.11 12.41 11.07
C GLY A 334 -35.96 12.67 12.04
N LEU A 335 -35.25 11.60 12.38
CA LEU A 335 -34.04 11.73 13.18
C LEU A 335 -32.80 11.66 12.28
N SER A 336 -31.82 12.49 12.60
CA SER A 336 -30.56 12.58 11.90
C SER A 336 -29.53 11.81 12.69
N ALA A 337 -28.76 10.96 12.01
CA ALA A 337 -27.65 10.26 12.66
C ALA A 337 -26.54 11.23 13.08
N GLU A 338 -26.32 12.26 12.27
CA GLU A 338 -25.34 13.30 12.58
C GLU A 338 -25.72 14.05 13.87
N GLY A 339 -27.02 14.28 14.06
CA GLY A 339 -27.52 14.89 15.30
C GLY A 339 -27.33 14.02 16.53
N LEU A 340 -27.65 12.73 16.38
CA LEU A 340 -27.43 11.75 17.45
C LEU A 340 -25.95 11.62 17.76
N PHE A 341 -25.13 11.76 16.72
CA PHE A 341 -23.68 11.72 16.85
C PHE A 341 -23.18 12.86 17.73
N ARG A 342 -23.70 14.07 17.50
CA ARG A 342 -23.34 15.24 18.31
C ARG A 342 -23.67 15.00 19.79
N ARG A 343 -24.88 14.50 20.05
CA ARG A 343 -25.34 14.21 21.41
C ARG A 343 -24.51 13.11 22.10
N ALA A 344 -24.26 12.00 21.39
CA ALA A 344 -23.55 10.87 21.97
C ALA A 344 -22.12 11.24 22.33
N LEU A 345 -21.48 12.05 21.48
CA LEU A 345 -20.10 12.44 21.71
C LEU A 345 -19.94 13.30 22.96
N GLU A 346 -20.97 14.10 23.28
CA GLU A 346 -20.96 14.91 24.49
C GLU A 346 -20.89 13.99 25.71
N GLU A 347 -21.42 12.78 25.53
CA GLU A 347 -21.41 11.75 26.55
C GLU A 347 -20.24 10.77 26.46
N ASN A 348 -19.21 11.16 25.70
CA ASN A 348 -18.02 10.34 25.46
C ASN A 348 -18.30 9.04 24.69
N VAL A 349 -19.36 9.04 23.88
CA VAL A 349 -19.70 7.88 23.04
C VAL A 349 -19.55 8.20 21.55
N ALA A 350 -18.81 7.33 20.84
CA ALA A 350 -18.60 7.46 19.39
C ALA A 350 -19.18 6.28 18.61
N PHE A 351 -19.83 6.60 17.50
CA PHE A 351 -20.27 5.59 16.51
C PHE A 351 -20.03 6.16 15.11
N VAL A 352 -20.30 5.37 14.06
CA VAL A 352 -20.18 5.88 12.68
C VAL A 352 -21.54 6.21 12.08
N PRO A 353 -21.81 7.50 11.86
CA PRO A 353 -22.98 7.84 11.05
C PRO A 353 -23.02 7.10 9.71
N GLY A 354 -24.23 6.74 9.28
CA GLY A 354 -24.44 5.77 8.17
C GLY A 354 -24.29 6.32 6.77
N GLY A 355 -24.50 7.63 6.61
CA GLY A 355 -24.43 8.29 5.29
C GLY A 355 -23.30 7.87 4.34
N PRO A 356 -22.03 7.91 4.82
CA PRO A 356 -20.84 7.55 4.03
C PRO A 356 -20.75 6.10 3.58
N PHE A 357 -21.64 5.25 4.08
CA PHE A 357 -21.75 3.89 3.59
C PHE A 357 -22.62 3.78 2.36
N PHE A 358 -23.28 4.88 1.94
CA PHE A 358 -24.18 4.88 0.76
C PHE A 358 -23.44 5.56 -0.38
N ALA A 359 -23.05 4.78 -1.39
CA ALA A 359 -22.12 5.28 -2.38
C ALA A 359 -22.69 6.45 -3.18
N ASN A 360 -24.02 6.46 -3.33
CA ASN A 360 -24.71 7.52 -4.08
C ASN A 360 -25.53 8.48 -3.18
N GLY A 361 -25.24 8.48 -1.89
CA GLY A 361 -25.96 9.33 -0.92
C GLY A 361 -27.19 8.66 -0.33
N GLY A 362 -27.77 9.30 0.70
CA GLY A 362 -28.92 8.74 1.41
C GLY A 362 -28.46 8.20 2.74
N GLY A 363 -29.37 7.55 3.47
CA GLY A 363 -29.04 6.92 4.76
C GLY A 363 -28.69 7.86 5.89
N GLU A 364 -29.22 9.08 5.83
CA GLU A 364 -28.97 10.09 6.86
C GLU A 364 -29.58 9.71 8.21
N ASN A 365 -30.53 8.78 8.21
CA ASN A 365 -31.18 8.31 9.46
C ASN A 365 -30.60 6.99 9.98
N THR A 366 -29.43 6.61 9.46
CA THR A 366 -28.82 5.33 9.77
C THR A 366 -27.47 5.51 10.42
N LEU A 367 -27.03 4.50 11.15
CA LEU A 367 -25.71 4.52 11.74
C LEU A 367 -25.22 3.13 12.06
N ARG A 368 -23.89 2.97 12.15
CA ARG A 368 -23.31 1.67 12.44
C ARG A 368 -22.71 1.70 13.83
N LEU A 369 -22.96 0.61 14.57
CA LEU A 369 -22.41 0.41 15.92
C LEU A 369 -21.51 -0.81 15.88
N SER A 370 -20.30 -0.67 16.43
CA SER A 370 -19.38 -1.79 16.56
C SER A 370 -19.22 -2.21 18.03
N TYR A 371 -19.35 -3.50 18.28
CA TYR A 371 -19.14 -4.05 19.64
C TYR A 371 -17.79 -4.75 19.79
N ALA A 372 -16.90 -4.55 18.83
CA ALA A 372 -15.61 -5.24 18.84
C ALA A 372 -14.64 -4.77 19.92
N THR A 373 -14.65 -3.47 20.23
CA THR A 373 -13.54 -2.88 20.99
C THR A 373 -13.75 -2.92 22.51
N LEU A 374 -14.94 -2.51 22.96
CA LEU A 374 -15.23 -2.34 24.37
C LEU A 374 -15.48 -3.67 25.06
N ASP A 375 -15.19 -3.77 26.36
CA ASP A 375 -15.63 -4.96 27.10
C ASP A 375 -17.10 -4.91 27.46
N ARG A 376 -17.60 -5.97 28.10
CA ARG A 376 -19.02 -6.09 28.48
C ARG A 376 -19.59 -4.88 29.22
N GLU A 377 -18.83 -4.37 30.20
CA GLU A 377 -19.24 -3.19 30.98
C GLU A 377 -19.30 -1.92 30.13
N GLY A 378 -18.26 -1.71 29.31
CA GLY A 378 -18.21 -0.57 28.40
C GLY A 378 -19.37 -0.57 27.43
N ILE A 379 -19.67 -1.74 26.89
CA ILE A 379 -20.82 -1.90 26.00
C ILE A 379 -22.12 -1.52 26.71
N ALA A 380 -22.38 -2.12 27.85
CA ALA A 380 -23.57 -1.81 28.64
C ALA A 380 -23.69 -0.32 28.92
N GLU A 381 -22.60 0.30 29.36
CA GLU A 381 -22.57 1.71 29.73
C GLU A 381 -22.71 2.65 28.52
N GLY A 382 -21.98 2.35 27.44
CA GLY A 382 -22.11 3.12 26.21
C GLY A 382 -23.51 3.11 25.62
N VAL A 383 -24.11 1.92 25.59
CA VAL A 383 -25.47 1.77 25.06
C VAL A 383 -26.52 2.50 25.91
N ARG A 384 -26.32 2.54 27.22
CA ARG A 384 -27.29 3.27 28.04
C ARG A 384 -27.22 4.78 27.78
N ARG A 385 -26.01 5.31 27.61
CA ARG A 385 -25.85 6.70 27.21
C ARG A 385 -26.45 7.00 25.86
N LEU A 386 -26.18 6.12 24.87
CA LEU A 386 -26.75 6.23 23.54
C LEU A 386 -28.27 6.25 23.59
N GLY A 387 -28.83 5.32 24.37
CA GLY A 387 -30.26 5.18 24.59
C GLY A 387 -30.85 6.43 25.22
N ARG A 388 -30.19 6.96 26.25
CA ARG A 388 -30.63 8.22 26.86
C ARG A 388 -30.61 9.40 25.87
N ALA A 389 -29.52 9.52 25.11
CA ALA A 389 -29.41 10.52 24.05
C ALA A 389 -30.51 10.38 22.99
N LEU A 390 -30.78 9.14 22.56
CA LEU A 390 -31.82 8.86 21.57
C LEU A 390 -33.21 9.28 22.04
N LYS A 391 -33.55 8.91 23.27
CA LYS A 391 -34.85 9.23 23.84
C LYS A 391 -35.08 10.74 23.90
N GLY A 392 -34.06 11.46 24.37
CA GLY A 392 -34.08 12.92 24.37
C GLY A 392 -34.34 13.48 23.00
N LEU A 393 -33.62 12.95 22.01
CA LEU A 393 -33.81 13.40 20.64
C LEU A 393 -35.17 12.98 20.08
N LEU A 394 -35.66 11.81 20.45
CA LEU A 394 -36.99 11.35 20.04
C LEU A 394 -38.10 12.26 20.59
N ALA A 395 -37.88 12.79 21.78
CA ALA A 395 -38.85 13.67 22.43
C ALA A 395 -39.13 14.97 21.68
N LEU A 396 -38.12 15.52 21.02
CA LEU A 396 -38.26 16.76 20.24
C LEU A 396 -38.38 16.44 18.76
N SER B 5 -13.93 -13.91 -20.25
CA SER B 5 -12.59 -13.57 -20.82
C SER B 5 -11.97 -12.46 -19.97
N TRP B 6 -10.78 -12.72 -19.40
CA TRP B 6 -10.14 -11.72 -18.53
C TRP B 6 -9.71 -10.46 -19.27
N SER B 7 -9.11 -10.60 -20.44
CA SER B 7 -8.76 -9.40 -21.24
C SER B 7 -9.98 -8.54 -21.54
N GLU B 8 -11.10 -9.18 -21.87
CA GLU B 8 -12.35 -8.47 -22.08
C GLU B 8 -12.91 -7.88 -20.78
N ALA B 9 -12.70 -8.57 -19.66
CA ALA B 9 -13.19 -8.14 -18.34
C ALA B 9 -12.39 -6.97 -17.75
N PHE B 10 -11.09 -6.93 -18.00
CA PHE B 10 -10.24 -5.87 -17.45
C PHE B 10 -10.56 -4.47 -17.98
N GLY B 11 -10.31 -3.46 -17.14
CA GLY B 11 -10.42 -2.05 -17.54
C GLY B 11 -9.16 -1.53 -18.21
N LYS B 12 -9.16 -0.24 -18.56
CA LYS B 12 -8.03 0.39 -19.26
C LYS B 12 -6.74 0.34 -18.46
N GLY B 13 -6.90 0.49 -17.15
CA GLY B 13 -5.79 0.38 -16.20
C GLY B 13 -4.98 -0.89 -16.36
N ALA B 14 -5.68 -2.01 -16.56
CA ALA B 14 -5.01 -3.29 -16.74
C ALA B 14 -4.10 -3.29 -17.99
N GLY B 15 -4.55 -2.61 -19.04
CA GLY B 15 -3.78 -2.47 -20.28
C GLY B 15 -2.52 -1.64 -20.16
N ARG B 16 -2.50 -0.74 -19.18
CA ARG B 16 -1.33 0.09 -18.89
C ARG B 16 -0.43 -0.62 -17.87
N ILE B 17 -0.99 -1.57 -17.13
CA ILE B 17 -0.23 -2.33 -16.13
C ILE B 17 0.73 -3.32 -16.84
N GLN B 18 2.02 -3.21 -16.52
CA GLN B 18 3.06 -4.11 -17.03
C GLN B 18 3.99 -4.43 -15.85
N ALA B 19 4.59 -5.61 -15.85
CA ALA B 19 5.46 -6.03 -14.76
C ALA B 19 6.74 -5.19 -14.71
N SER B 20 7.28 -4.98 -13.50
CA SER B 20 8.53 -4.28 -13.38
C SER B 20 9.68 -5.27 -13.51
N THR B 21 10.67 -4.97 -14.35
CA THR B 21 11.79 -5.89 -14.51
C THR B 21 12.62 -5.99 -13.23
N ILE B 22 12.75 -4.89 -12.49
CA ILE B 22 13.48 -4.96 -11.21
C ILE B 22 12.77 -5.94 -10.26
N ARG B 23 11.44 -5.83 -10.19
CA ARG B 23 10.64 -6.64 -9.27
C ARG B 23 10.76 -8.12 -9.63
N GLU B 24 10.67 -8.41 -10.92
CA GLU B 24 10.76 -9.78 -11.45
C GLU B 24 12.18 -10.37 -11.29
N LEU B 25 13.23 -9.55 -11.46
CA LEU B 25 14.61 -10.01 -11.30
C LEU B 25 14.92 -10.51 -9.88
N LEU B 26 14.21 -9.97 -8.88
CA LEU B 26 14.50 -10.38 -7.50
C LEU B 26 14.29 -11.89 -7.30
N LYS B 27 13.33 -12.44 -8.02
CA LYS B 27 13.03 -13.88 -7.98
C LYS B 27 14.19 -14.70 -8.52
N LEU B 28 14.88 -14.15 -9.52
CA LEU B 28 16.13 -14.73 -10.02
C LEU B 28 17.29 -14.50 -9.02
N THR B 29 17.50 -13.25 -8.61
CA THR B 29 18.71 -12.91 -7.82
C THR B 29 18.75 -13.43 -6.38
N GLN B 30 17.60 -13.70 -5.76
CA GLN B 30 17.63 -14.26 -4.41
C GLN B 30 17.98 -15.77 -4.38
N ARG B 31 18.17 -16.36 -5.56
CA ARG B 31 18.65 -17.75 -5.64
C ARG B 31 20.17 -17.84 -5.46
N PRO B 32 20.65 -18.88 -4.73
CA PRO B 32 22.09 -19.03 -4.47
C PRO B 32 22.92 -19.27 -5.72
N GLY B 33 24.11 -18.67 -5.76
CA GLY B 33 24.98 -18.77 -6.91
C GLY B 33 24.85 -17.61 -7.89
N ILE B 34 23.78 -16.82 -7.78
CA ILE B 34 23.64 -15.65 -8.65
C ILE B 34 24.45 -14.49 -8.08
N LEU B 35 25.33 -13.92 -8.91
CA LEU B 35 26.02 -12.68 -8.60
C LEU B 35 25.15 -11.53 -9.11
N SER B 36 24.48 -10.85 -8.19
CA SER B 36 23.52 -9.82 -8.56
C SER B 36 24.10 -8.40 -8.56
N PHE B 37 24.08 -7.79 -9.74
CA PHE B 37 24.25 -6.35 -9.89
C PHE B 37 22.88 -5.79 -10.32
N ALA B 38 21.80 -6.43 -9.86
CA ALA B 38 20.46 -6.13 -10.40
C ALA B 38 19.74 -5.11 -9.50
N GLY B 39 18.70 -5.52 -8.78
CA GLY B 39 18.04 -4.61 -7.82
C GLY B 39 19.01 -3.96 -6.83
N GLY B 40 18.69 -2.72 -6.42
CA GLY B 40 19.46 -1.96 -5.46
C GLY B 40 19.16 -2.45 -4.06
N LEU B 41 19.53 -3.70 -3.80
CA LEU B 41 19.30 -4.32 -2.49
C LEU B 41 20.50 -4.03 -1.60
N PRO B 42 20.27 -3.44 -0.41
CA PRO B 42 21.33 -3.11 0.53
C PRO B 42 22.11 -4.33 0.99
N ALA B 43 23.36 -4.07 1.31
CA ALA B 43 24.28 -5.07 1.81
C ALA B 43 23.68 -5.67 3.08
N PRO B 44 23.42 -7.00 3.08
CA PRO B 44 22.86 -7.71 4.23
C PRO B 44 23.60 -7.45 5.54
N GLU B 45 24.92 -7.28 5.47
CA GLU B 45 25.73 -7.05 6.68
C GLU B 45 25.41 -5.72 7.35
N LEU B 46 24.76 -4.81 6.61
CA LEU B 46 24.35 -3.54 7.19
C LEU B 46 23.05 -3.62 7.99
N PHE B 47 22.29 -4.72 7.83
CA PHE B 47 21.05 -4.86 8.60
C PHE B 47 21.36 -5.08 10.07
N PRO B 48 20.84 -4.21 10.95
CA PRO B 48 21.01 -4.40 12.40
C PRO B 48 19.97 -5.37 12.95
N LYS B 49 20.08 -6.63 12.51
CA LYS B 49 19.07 -7.65 12.84
C LYS B 49 18.98 -7.93 14.35
N GLU B 50 20.12 -7.97 15.01
CA GLU B 50 20.17 -8.24 16.45
C GLU B 50 19.50 -7.14 17.27
N GLU B 51 19.86 -5.89 16.98
CA GLU B 51 19.24 -4.72 17.59
C GLU B 51 17.74 -4.59 17.25
N ALA B 52 17.38 -4.88 16.00
CA ALA B 52 15.97 -4.86 15.60
C ALA B 52 15.16 -5.90 16.35
N ALA B 53 15.73 -7.11 16.51
CA ALA B 53 15.11 -8.16 17.29
C ALA B 53 14.81 -7.73 18.73
N GLU B 54 15.79 -7.10 19.39
CA GLU B 54 15.62 -6.66 20.78
C GLU B 54 14.53 -5.60 20.87
N ALA B 55 14.57 -4.67 19.92
CA ALA B 55 13.60 -3.58 19.85
C ALA B 55 12.20 -4.03 19.51
N ALA B 56 12.06 -4.97 18.58
CA ALA B 56 10.74 -5.47 18.18
C ALA B 56 10.09 -6.16 19.38
N ALA B 57 10.86 -6.98 20.09
CA ALA B 57 10.32 -7.69 21.27
C ALA B 57 9.83 -6.73 22.35
N ARG B 58 10.62 -5.68 22.59
CA ARG B 58 10.31 -4.65 23.58
C ARG B 58 9.06 -3.87 23.17
N ILE B 59 8.96 -3.51 21.89
CA ILE B 59 7.78 -2.79 21.45
C ILE B 59 6.55 -3.66 21.70
N LEU B 60 6.63 -4.93 21.34
CA LEU B 60 5.45 -5.79 21.40
C LEU B 60 5.05 -6.12 22.84
N ARG B 61 6.05 -6.27 23.71
CA ARG B 61 5.78 -6.47 25.13
C ARG B 61 5.24 -5.24 25.85
N GLU B 62 5.86 -4.09 25.61
CA GLU B 62 5.53 -2.85 26.32
C GLU B 62 4.42 -2.01 25.69
N LYS B 63 4.26 -2.15 24.37
CA LYS B 63 3.32 -1.34 23.61
C LYS B 63 2.58 -2.12 22.54
N GLY B 64 2.45 -3.44 22.72
CA GLY B 64 1.79 -4.32 21.75
C GLY B 64 0.37 -3.93 21.35
N GLU B 65 -0.38 -3.36 22.29
CA GLU B 65 -1.77 -2.95 22.05
C GLU B 65 -1.83 -1.76 21.11
N VAL B 66 -0.71 -1.05 20.98
CA VAL B 66 -0.60 0.02 19.98
C VAL B 66 -0.04 -0.55 18.68
N ALA B 67 1.02 -1.36 18.78
CA ALA B 67 1.71 -1.87 17.61
C ALA B 67 0.80 -2.75 16.76
N LEU B 68 -0.13 -3.43 17.41
CA LEU B 68 -0.93 -4.45 16.74
C LEU B 68 -2.32 -3.95 16.32
N GLN B 69 -2.67 -2.73 16.67
CA GLN B 69 -4.01 -2.20 16.47
C GLN B 69 -4.01 -1.29 15.25
N TYR B 70 -5.19 -1.07 14.65
CA TYR B 70 -5.37 0.00 13.67
C TYR B 70 -4.90 1.34 14.25
N SER B 71 -4.35 2.20 13.39
CA SER B 71 -3.80 3.49 13.80
C SER B 71 -4.20 4.54 12.76
N PRO B 72 -4.17 5.82 13.14
CA PRO B 72 -4.41 6.83 12.10
C PRO B 72 -3.48 6.78 10.88
N THR B 73 -3.99 7.19 9.73
CA THR B 73 -3.23 7.15 8.49
C THR B 73 -1.88 7.92 8.52
N GLU B 74 -1.85 9.08 9.18
CA GLU B 74 -0.72 9.99 9.03
C GLU B 74 0.61 9.38 9.54
N GLY B 75 0.49 8.47 10.50
CA GLY B 75 1.67 7.78 11.02
C GLY B 75 1.89 7.87 12.53
N TYR B 76 2.81 7.05 13.01
CA TYR B 76 3.25 7.05 14.39
C TYR B 76 3.82 8.44 14.74
N ALA B 77 3.23 9.07 15.74
CA ALA B 77 3.60 10.45 16.05
C ALA B 77 5.08 10.68 16.38
N PRO B 78 5.70 9.83 17.24
CA PRO B 78 7.12 10.07 17.43
C PRO B 78 7.98 9.90 16.17
N LEU B 79 7.57 8.99 15.27
CA LEU B 79 8.26 8.86 13.98
C LEU B 79 8.13 10.12 13.12
N ARG B 80 6.92 10.67 13.01
CA ARG B 80 6.70 11.93 12.26
C ARG B 80 7.56 13.06 12.84
N ALA B 81 7.63 13.13 14.17
CA ALA B 81 8.44 14.15 14.85
C ALA B 81 9.95 13.96 14.56
N PHE B 82 10.39 12.71 14.51
CA PHE B 82 11.79 12.39 14.21
C PHE B 82 12.12 12.82 12.78
N VAL B 83 11.23 12.47 11.84
CA VAL B 83 11.40 12.89 10.44
C VAL B 83 11.40 14.41 10.34
N ALA B 84 10.45 15.06 10.99
CA ALA B 84 10.40 16.51 11.04
C ALA B 84 11.73 17.14 11.53
N GLU B 85 12.30 16.61 12.60
CA GLU B 85 13.56 17.13 13.12
C GLU B 85 14.72 16.89 12.15
N TRP B 86 14.72 15.73 11.50
CA TRP B 86 15.77 15.35 10.56
C TRP B 86 15.72 16.24 9.32
N ILE B 87 14.50 16.40 8.79
CA ILE B 87 14.27 17.08 7.51
C ILE B 87 14.23 18.62 7.66
N GLY B 88 13.90 19.09 8.85
CA GLY B 88 13.80 20.54 9.11
C GLY B 88 12.42 21.09 8.85
N VAL B 89 11.41 20.28 9.17
CA VAL B 89 10.03 20.67 9.01
C VAL B 89 9.29 20.45 10.34
N ARG B 90 7.97 20.59 10.34
CA ARG B 90 7.18 20.29 11.54
C ARG B 90 6.46 18.94 11.39
N PRO B 91 6.23 18.23 12.51
CA PRO B 91 5.66 16.85 12.46
C PRO B 91 4.37 16.74 11.65
N GLU B 92 3.52 17.77 11.71
CA GLU B 92 2.25 17.77 11.01
C GLU B 92 2.35 17.86 9.47
N GLU B 93 3.56 18.13 8.97
CA GLU B 93 3.81 18.20 7.52
C GLU B 93 4.28 16.86 6.95
N VAL B 94 4.37 15.85 7.81
CA VAL B 94 4.94 14.56 7.43
C VAL B 94 3.86 13.47 7.34
N LEU B 95 3.87 12.74 6.21
CA LEU B 95 3.03 11.55 6.05
C LEU B 95 3.95 10.33 6.02
N ILE B 96 3.70 9.34 6.89
CA ILE B 96 4.44 8.08 6.83
C ILE B 96 3.79 7.16 5.83
N THR B 97 4.59 6.65 4.89
CA THR B 97 4.10 5.82 3.80
C THR B 97 4.75 4.46 3.81
N THR B 98 4.11 3.52 3.13
CA THR B 98 4.56 2.13 3.04
C THR B 98 5.60 2.01 1.90
N GLY B 99 6.80 2.51 2.18
CA GLY B 99 7.87 2.69 1.20
C GLY B 99 7.59 3.95 0.39
N SER B 100 8.65 4.54 -0.17
CA SER B 100 8.48 5.66 -1.09
CA SER B 100 8.47 5.69 -1.05
C SER B 100 7.78 5.24 -2.34
N GLN B 101 7.83 3.93 -2.66
CA GLN B 101 7.05 3.46 -3.82
C GLN B 101 5.56 3.85 -3.65
N GLN B 102 5.02 3.71 -2.44
CA GLN B 102 3.66 4.18 -2.18
C GLN B 102 3.47 5.68 -2.45
N ALA B 103 4.43 6.52 -2.05
CA ALA B 103 4.28 7.96 -2.30
C ALA B 103 4.17 8.21 -3.81
N LEU B 104 4.89 7.43 -4.61
CA LEU B 104 4.81 7.56 -6.07
C LEU B 104 3.44 7.23 -6.56
N ASP B 105 2.88 6.13 -6.06
CA ASP B 105 1.50 5.74 -6.38
C ASP B 105 0.52 6.89 -6.04
N LEU B 106 0.65 7.43 -4.82
CA LEU B 106 -0.23 8.50 -4.33
C LEU B 106 -0.16 9.78 -5.18
N VAL B 107 1.06 10.21 -5.53
CA VAL B 107 1.24 11.44 -6.33
C VAL B 107 0.62 11.21 -7.71
N GLY B 108 0.80 10.00 -8.24
CA GLY B 108 0.15 9.65 -9.53
C GLY B 108 -1.36 9.83 -9.46
N LYS B 109 -1.97 9.33 -8.39
CA LYS B 109 -3.43 9.37 -8.23
C LYS B 109 -3.96 10.80 -8.11
N VAL B 110 -3.22 11.63 -7.38
CA VAL B 110 -3.64 12.99 -7.05
C VAL B 110 -3.48 13.93 -8.25
N PHE B 111 -2.44 13.69 -9.09
CA PHE B 111 -2.05 14.68 -10.10
C PHE B 111 -2.30 14.31 -11.56
N LEU B 112 -2.41 13.01 -11.84
CA LEU B 112 -2.43 12.56 -13.24
C LEU B 112 -3.79 12.03 -13.68
N ASP B 113 -4.12 12.27 -14.95
CA ASP B 113 -5.30 11.71 -15.59
C ASP B 113 -4.89 11.23 -16.97
N GLU B 114 -5.77 10.47 -17.64
CA GLU B 114 -5.50 10.04 -19.01
C GLU B 114 -5.11 11.22 -19.90
N GLY B 115 -3.96 11.09 -20.55
CA GLY B 115 -3.47 12.12 -21.48
C GLY B 115 -2.77 13.33 -20.85
N SER B 116 -2.76 13.39 -19.52
CA SER B 116 -2.13 14.52 -18.82
C SER B 116 -0.61 14.44 -18.91
N PRO B 117 0.04 15.58 -19.17
CA PRO B 117 1.50 15.53 -19.28
C PRO B 117 2.16 15.36 -17.92
N VAL B 118 3.23 14.57 -17.88
CA VAL B 118 4.08 14.47 -16.69
C VAL B 118 5.53 14.48 -17.16
N LEU B 119 6.41 15.13 -16.42
CA LEU B 119 7.78 15.28 -16.87
C LEU B 119 8.73 14.52 -15.97
N LEU B 120 9.57 13.69 -16.57
CA LEU B 120 10.67 13.07 -15.84
C LEU B 120 11.89 12.94 -16.71
N GLU B 121 12.98 12.43 -16.12
CA GLU B 121 14.21 12.26 -16.88
C GLU B 121 14.14 11.00 -17.73
N ALA B 122 14.93 10.98 -18.80
CA ALA B 122 15.22 9.75 -19.52
C ALA B 122 16.74 9.46 -19.40
N PRO B 123 17.11 8.38 -18.70
CA PRO B 123 16.23 7.44 -18.01
C PRO B 123 15.81 7.99 -16.63
N SER B 124 14.86 7.31 -16.00
CA SER B 124 14.48 7.58 -14.62
C SER B 124 14.06 6.27 -13.95
N TYR B 125 13.62 6.37 -12.68
CA TYR B 125 13.31 5.15 -11.92
C TYR B 125 12.09 4.42 -12.46
N MET B 126 12.27 3.17 -12.87
CA MET B 126 11.15 2.45 -13.51
C MET B 126 9.91 2.27 -12.63
N GLY B 127 10.10 2.24 -11.31
CA GLY B 127 8.97 2.14 -10.39
C GLY B 127 8.07 3.39 -10.41
N ALA B 128 8.68 4.56 -10.60
CA ALA B 128 7.91 5.81 -10.84
C ALA B 128 7.13 5.77 -12.19
N ILE B 129 7.81 5.36 -13.25
CA ILE B 129 7.17 5.20 -14.55
C ILE B 129 5.98 4.28 -14.40
N GLN B 130 6.18 3.14 -13.74
CA GLN B 130 5.15 2.11 -13.57
C GLN B 130 3.94 2.67 -12.79
N ALA B 131 4.22 3.31 -11.66
CA ALA B 131 3.17 3.90 -10.82
C ALA B 131 2.38 4.97 -11.60
N PHE B 132 3.10 5.80 -12.34
CA PHE B 132 2.46 6.88 -13.09
C PHE B 132 1.69 6.35 -14.29
N ARG B 133 2.24 5.32 -14.92
CA ARG B 133 1.65 4.86 -16.21
C ARG B 133 0.22 4.32 -16.02
N LEU B 134 -0.08 3.84 -14.81
CA LEU B 134 -1.41 3.42 -14.42
C LEU B 134 -2.50 4.45 -14.73
N GLN B 135 -2.13 5.73 -14.68
CA GLN B 135 -3.08 6.82 -14.87
C GLN B 135 -3.28 7.21 -16.33
N GLY B 136 -2.45 6.63 -17.21
CA GLY B 136 -2.43 6.91 -18.65
C GLY B 136 -1.92 8.28 -19.04
N PRO B 137 -0.87 8.78 -18.35
CA PRO B 137 -0.35 10.10 -18.71
C PRO B 137 0.42 10.09 -20.04
N ARG B 138 0.77 11.26 -20.49
CA ARG B 138 1.68 11.42 -21.59
C ARG B 138 3.02 11.78 -20.97
N PHE B 139 4.00 10.90 -21.14
CA PHE B 139 5.33 11.16 -20.57
C PHE B 139 6.13 12.12 -21.43
N LEU B 140 6.63 13.16 -20.78
CA LEU B 140 7.59 14.05 -21.39
C LEU B 140 8.91 13.81 -20.69
N THR B 141 9.99 13.67 -21.45
CA THR B 141 11.28 13.46 -20.80
C THR B 141 12.32 14.48 -21.26
N VAL B 142 13.34 14.65 -20.43
CA VAL B 142 14.54 15.36 -20.83
C VAL B 142 15.71 14.44 -20.48
N PRO B 143 16.78 14.47 -21.28
CA PRO B 143 17.92 13.59 -21.00
C PRO B 143 18.52 13.87 -19.62
N ALA B 144 18.91 12.80 -18.93
CA ALA B 144 19.66 12.95 -17.69
C ALA B 144 21.06 12.36 -17.79
N GLY B 145 22.01 13.04 -17.18
CA GLY B 145 23.37 12.49 -17.08
C GLY B 145 23.98 12.47 -15.69
N GLU B 146 25.31 12.41 -15.70
CA GLU B 146 26.14 12.42 -14.50
C GLU B 146 25.95 13.75 -13.71
N GLU B 147 25.54 14.80 -14.43
CA GLU B 147 25.22 16.13 -13.89
C GLU B 147 23.71 16.46 -13.76
N GLY B 148 22.88 15.44 -13.85
CA GLY B 148 21.44 15.63 -13.70
C GLY B 148 20.77 15.98 -15.01
N PRO B 149 19.55 16.54 -14.93
CA PRO B 149 18.72 16.79 -16.12
C PRO B 149 19.25 17.91 -17.02
N ASP B 150 19.05 17.73 -18.32
CA ASP B 150 19.44 18.74 -19.31
C ASP B 150 18.48 19.93 -19.17
N LEU B 151 18.92 20.99 -18.52
CA LEU B 151 18.03 22.14 -18.28
C LEU B 151 17.71 22.98 -19.52
N ASP B 152 18.56 22.93 -20.55
CA ASP B 152 18.22 23.57 -21.82
C ASP B 152 17.07 22.82 -22.48
N ALA B 153 17.12 21.49 -22.45
CA ALA B 153 16.01 20.68 -22.94
C ALA B 153 14.75 20.96 -22.13
N LEU B 154 14.88 21.01 -20.80
CA LEU B 154 13.74 21.30 -19.94
C LEU B 154 13.11 22.64 -20.26
N GLU B 155 13.95 23.68 -20.37
CA GLU B 155 13.49 25.00 -20.81
C GLU B 155 12.65 24.94 -22.09
N GLU B 156 13.12 24.17 -23.08
CA GLU B 156 12.38 24.01 -24.33
C GLU B 156 11.00 23.35 -24.13
N VAL B 157 10.95 22.33 -23.27
CA VAL B 157 9.69 21.63 -23.01
C VAL B 157 8.67 22.54 -22.35
N LEU B 158 9.14 23.34 -21.37
CA LEU B 158 8.28 24.20 -20.58
C LEU B 158 7.75 25.39 -21.37
N LYS B 159 8.33 25.66 -22.52
CA LYS B 159 7.75 26.68 -23.41
C LYS B 159 6.53 26.12 -24.13
N ARG B 160 6.43 24.79 -24.16
CA ARG B 160 5.46 24.09 -25.00
C ARG B 160 4.42 23.31 -24.21
N GLU B 161 4.83 22.79 -23.06
CA GLU B 161 3.97 21.92 -22.26
C GLU B 161 3.90 22.40 -20.83
N ARG B 162 2.77 22.12 -20.17
CA ARG B 162 2.65 22.35 -18.73
C ARG B 162 2.51 21.02 -17.98
N PRO B 163 3.63 20.42 -17.53
CA PRO B 163 3.54 19.12 -16.87
C PRO B 163 2.76 19.24 -15.56
N ARG B 164 1.98 18.22 -15.22
CA ARG B 164 1.28 18.18 -13.94
C ARG B 164 2.25 18.23 -12.75
N PHE B 165 3.39 17.59 -12.94
CA PHE B 165 4.53 17.77 -12.03
C PHE B 165 5.79 17.35 -12.74
N LEU B 166 6.93 17.70 -12.15
CA LEU B 166 8.25 17.22 -12.60
C LEU B 166 8.73 16.22 -11.57
N TYR B 167 9.02 15.00 -12.01
CA TYR B 167 9.57 13.97 -11.08
C TYR B 167 11.08 13.95 -11.27
N LEU B 168 11.83 14.15 -10.18
CA LEU B 168 13.26 14.31 -10.31
C LEU B 168 13.89 13.57 -9.15
N ILE B 169 15.10 13.08 -9.39
CA ILE B 169 15.93 12.44 -8.38
C ILE B 169 17.29 13.15 -8.47
N PRO B 170 17.40 14.35 -7.87
CA PRO B 170 18.64 15.15 -7.99
C PRO B 170 19.89 14.53 -7.32
N SER B 171 19.70 13.70 -6.30
CA SER B 171 20.87 13.14 -5.56
C SER B 171 21.08 11.65 -5.83
N PHE B 172 22.00 11.36 -6.76
CA PHE B 172 22.41 9.99 -7.10
C PHE B 172 21.26 9.29 -7.77
N GLN B 173 20.90 9.89 -8.90
CA GLN B 173 19.72 9.48 -9.67
C GLN B 173 19.68 7.98 -9.96
N ASN B 174 18.48 7.42 -9.89
CA ASN B 174 18.26 6.05 -10.32
C ASN B 174 17.74 6.18 -11.75
N PRO B 175 18.48 5.65 -12.73
CA PRO B 175 19.63 4.73 -12.67
C PRO B 175 20.99 5.31 -13.04
N THR B 176 21.10 6.61 -13.37
CA THR B 176 22.39 7.10 -13.91
C THR B 176 23.48 7.30 -12.83
N GLY B 177 23.03 7.44 -11.60
CA GLY B 177 23.90 7.88 -10.48
C GLY B 177 24.17 9.39 -10.47
N GLY B 178 23.60 10.12 -11.43
CA GLY B 178 23.84 11.54 -11.55
C GLY B 178 23.57 12.35 -10.30
N LEU B 179 24.39 13.37 -10.09
CA LEU B 179 24.21 14.29 -8.98
C LEU B 179 24.03 15.67 -9.56
N THR B 180 22.83 16.21 -9.45
CA THR B 180 22.54 17.56 -9.94
C THR B 180 23.31 18.57 -9.08
N PRO B 181 24.21 19.39 -9.70
CA PRO B 181 25.00 20.32 -8.89
C PRO B 181 24.18 21.51 -8.40
N LEU B 182 24.69 22.19 -7.38
CA LEU B 182 23.93 23.27 -6.74
C LEU B 182 23.47 24.38 -7.69
N PRO B 183 24.37 24.88 -8.57
CA PRO B 183 23.88 25.92 -9.49
C PRO B 183 22.72 25.43 -10.37
N ALA B 184 22.76 24.16 -10.76
CA ALA B 184 21.68 23.56 -11.52
C ALA B 184 20.36 23.45 -10.72
N ARG B 185 20.46 23.07 -9.45
CA ARG B 185 19.29 23.05 -8.56
C ARG B 185 18.61 24.43 -8.46
N LYS B 186 19.43 25.46 -8.34
CA LYS B 186 18.95 26.81 -8.16
C LYS B 186 18.28 27.25 -9.44
N ARG B 187 18.88 26.88 -10.59
CA ARG B 187 18.31 27.21 -11.89
C ARG B 187 16.95 26.54 -12.09
N LEU B 188 16.92 25.25 -11.78
CA LEU B 188 15.68 24.47 -11.77
C LEU B 188 14.64 25.10 -10.87
N LEU B 189 15.01 25.45 -9.64
CA LEU B 189 14.05 26.12 -8.75
C LEU B 189 13.44 27.38 -9.42
N GLN B 190 14.28 28.22 -10.00
CA GLN B 190 13.78 29.41 -10.72
C GLN B 190 12.80 29.08 -11.84
N MET B 191 13.12 28.07 -12.64
CA MET B 191 12.28 27.68 -13.77
C MET B 191 10.90 27.23 -13.29
N VAL B 192 10.92 26.46 -12.20
CA VAL B 192 9.73 25.95 -11.57
C VAL B 192 8.91 27.07 -10.92
N MET B 193 9.58 27.96 -10.20
CA MET B 193 8.88 29.05 -9.51
C MET B 193 8.23 30.00 -10.49
N GLU B 194 8.94 30.31 -11.59
CA GLU B 194 8.40 31.24 -12.64
C GLU B 194 7.07 30.81 -13.23
N ARG B 195 6.89 29.49 -13.33
CA ARG B 195 5.71 28.90 -13.96
C ARG B 195 4.77 28.27 -12.95
N GLY B 196 5.13 28.31 -11.66
CA GLY B 196 4.26 27.77 -10.62
C GLY B 196 4.01 26.28 -10.82
N LEU B 197 5.08 25.57 -11.17
CA LEU B 197 5.03 24.11 -11.37
C LEU B 197 5.26 23.32 -10.10
N VAL B 198 4.71 22.10 -10.08
CA VAL B 198 4.91 21.18 -8.97
C VAL B 198 6.13 20.30 -9.23
N VAL B 199 6.94 20.07 -8.20
CA VAL B 199 8.07 19.16 -8.32
C VAL B 199 7.84 18.04 -7.31
N VAL B 200 8.06 16.81 -7.76
CA VAL B 200 8.10 15.68 -6.88
C VAL B 200 9.57 15.27 -6.77
N GLU B 201 10.19 15.55 -5.63
CA GLU B 201 11.60 15.28 -5.44
C GLU B 201 11.82 13.98 -4.67
N ASP B 202 12.42 13.01 -5.34
CA ASP B 202 12.64 11.69 -4.75
C ASP B 202 14.05 11.63 -4.18
N ASP B 203 14.16 11.59 -2.85
CA ASP B 203 15.47 11.70 -2.21
C ASP B 203 15.86 10.37 -1.55
N ALA B 204 15.56 9.26 -2.22
CA ALA B 204 15.85 7.93 -1.68
C ALA B 204 17.31 7.77 -1.23
N TYR B 205 18.21 8.37 -2.00
CA TYR B 205 19.66 8.18 -1.78
C TYR B 205 20.30 9.41 -1.14
N ARG B 206 19.50 10.24 -0.49
CA ARG B 206 19.92 11.49 0.19
C ARG B 206 21.22 11.34 1.00
N GLU B 207 21.26 10.32 1.87
CA GLU B 207 22.35 10.20 2.83
C GLU B 207 23.54 9.39 2.35
N LEU B 208 23.45 8.86 1.12
CA LEU B 208 24.45 7.97 0.57
C LEU B 208 25.49 8.70 -0.28
N TYR B 209 25.87 9.91 0.14
CA TYR B 209 26.91 10.68 -0.54
C TYR B 209 28.31 10.22 -0.17
N PHE B 210 29.21 10.24 -1.15
CA PHE B 210 30.59 9.78 -0.92
C PHE B 210 31.54 10.92 -0.60
N GLY B 211 31.14 12.13 -0.92
CA GLY B 211 31.95 13.32 -0.67
C GLY B 211 31.84 13.83 0.75
N GLU B 212 32.33 15.05 0.95
CA GLU B 212 32.37 15.66 2.27
C GLU B 212 30.98 15.99 2.82
N ALA B 213 30.05 16.35 1.93
CA ALA B 213 28.76 16.84 2.39
C ALA B 213 27.69 16.60 1.33
N ARG B 214 26.43 16.60 1.73
CA ARG B 214 25.35 16.55 0.75
C ARG B 214 24.99 17.95 0.26
N LEU B 215 24.41 18.01 -0.94
CA LEU B 215 23.94 19.24 -1.50
C LEU B 215 22.55 19.52 -0.95
N PRO B 216 22.17 20.83 -0.86
CA PRO B 216 20.80 21.15 -0.46
C PRO B 216 19.79 20.54 -1.42
N SER B 217 18.71 20.00 -0.90
CA SER B 217 17.64 19.46 -1.74
C SER B 217 16.84 20.58 -2.40
N LEU B 218 16.15 20.26 -3.50
CA LEU B 218 15.22 21.21 -4.11
C LEU B 218 14.19 21.67 -3.07
N PHE B 219 13.75 20.75 -2.21
CA PHE B 219 12.79 21.09 -1.18
C PHE B 219 13.35 22.14 -0.19
N GLU B 220 14.60 21.95 0.24
CA GLU B 220 15.26 22.94 1.11
C GLU B 220 15.41 24.29 0.42
N LEU B 221 15.85 24.27 -0.83
CA LEU B 221 15.90 25.51 -1.63
C LEU B 221 14.52 26.17 -1.81
N ALA B 222 13.46 25.37 -1.99
CA ALA B 222 12.12 25.94 -2.15
C ALA B 222 11.65 26.54 -0.82
N ARG B 223 11.89 25.83 0.27
CA ARG B 223 11.44 26.30 1.58
C ARG B 223 12.15 27.60 1.90
N GLU B 224 13.43 27.68 1.53
CA GLU B 224 14.21 28.92 1.77
C GLU B 224 13.58 30.12 1.08
N ALA B 225 13.16 29.87 -0.17
CA ALA B 225 12.58 30.88 -1.03
C ALA B 225 11.10 31.14 -0.70
N GLY B 226 10.49 30.23 0.06
CA GLY B 226 9.06 30.32 0.39
C GLY B 226 8.13 29.78 -0.69
N TYR B 227 8.68 28.93 -1.57
CA TYR B 227 7.90 28.29 -2.63
C TYR B 227 7.28 26.99 -2.10
N PRO B 228 5.95 26.84 -2.19
CA PRO B 228 5.30 25.65 -1.63
C PRO B 228 5.12 24.46 -2.59
N GLY B 229 5.67 24.54 -3.80
CA GLY B 229 5.40 23.52 -4.80
C GLY B 229 6.24 22.25 -4.86
N VAL B 230 7.15 22.04 -3.90
CA VAL B 230 7.95 20.79 -3.87
C VAL B 230 7.41 19.75 -2.88
N ILE B 231 7.05 18.59 -3.43
CA ILE B 231 6.63 17.44 -2.63
C ILE B 231 7.88 16.58 -2.42
N TYR B 232 8.30 16.44 -1.17
CA TYR B 232 9.58 15.81 -0.84
C TYR B 232 9.36 14.37 -0.39
N LEU B 233 10.02 13.43 -1.07
CA LEU B 233 9.98 12.00 -0.69
C LEU B 233 11.30 11.52 -0.11
N GLY B 234 11.21 10.85 1.02
CA GLY B 234 12.38 10.18 1.62
C GLY B 234 12.00 8.76 2.06
N SER B 235 13.02 7.94 2.33
CA SER B 235 12.78 6.55 2.68
C SER B 235 13.80 6.01 3.68
N PHE B 236 13.35 5.07 4.52
CA PHE B 236 14.28 4.36 5.40
C PHE B 236 14.87 3.14 4.71
N SER B 237 14.46 2.88 3.48
CA SER B 237 14.89 1.68 2.77
C SER B 237 16.42 1.58 2.63
N LYS B 238 17.08 2.65 2.19
CA LYS B 238 18.51 2.55 1.80
C LYS B 238 19.44 2.76 2.98
N VAL B 239 18.86 3.21 4.08
CA VAL B 239 19.65 3.58 5.27
C VAL B 239 19.43 2.65 6.45
N LEU B 240 18.35 1.89 6.41
CA LEU B 240 18.05 0.95 7.48
C LEU B 240 17.52 -0.40 7.00
N SER B 241 16.32 -0.41 6.41
CA SER B 241 15.66 -1.66 5.99
C SER B 241 14.64 -1.43 4.89
N PRO B 242 14.89 -2.00 3.69
CA PRO B 242 13.87 -1.92 2.66
C PRO B 242 12.65 -2.76 2.98
N GLY B 243 12.87 -3.90 3.64
CA GLY B 243 11.83 -4.87 3.93
C GLY B 243 10.76 -4.38 4.90
N LEU B 244 11.12 -3.39 5.72
CA LEU B 244 10.15 -2.85 6.69
C LEU B 244 9.04 -2.01 6.02
N ARG B 245 9.34 -1.56 4.79
CA ARG B 245 8.50 -0.63 4.03
C ARG B 245 8.05 0.60 4.81
N VAL B 246 8.97 1.51 5.11
CA VAL B 246 8.62 2.71 5.90
C VAL B 246 9.38 3.85 5.28
N ALA B 247 8.63 4.88 4.96
CA ALA B 247 9.14 6.03 4.23
C ALA B 247 8.25 7.23 4.55
N PHE B 248 8.46 8.36 3.86
CA PHE B 248 7.68 9.52 4.22
C PHE B 248 7.55 10.49 3.05
N ALA B 249 6.50 11.29 3.11
CA ALA B 249 6.31 12.38 2.18
C ALA B 249 6.09 13.65 3.02
N VAL B 250 6.67 14.75 2.56
CA VAL B 250 6.48 16.06 3.18
C VAL B 250 5.93 16.99 2.08
N ALA B 251 4.86 17.74 2.38
CA ALA B 251 4.23 18.57 1.35
C ALA B 251 3.37 19.65 2.02
N HIS B 252 3.06 20.68 1.24
CA HIS B 252 2.14 21.73 1.66
C HIS B 252 0.83 21.07 2.14
N PRO B 253 0.17 21.59 3.18
CA PRO B 253 -1.05 21.00 3.73
C PRO B 253 -2.12 20.56 2.73
N GLU B 254 -2.34 21.33 1.67
CA GLU B 254 -3.39 20.96 0.72
C GLU B 254 -2.98 19.70 -0.03
N ALA B 255 -1.72 19.67 -0.46
CA ALA B 255 -1.25 18.49 -1.22
C ALA B 255 -1.15 17.33 -0.22
N LEU B 256 -0.65 17.59 0.98
CA LEU B 256 -0.53 16.55 1.98
C LEU B 256 -1.89 15.91 2.34
N GLN B 257 -2.94 16.73 2.42
CA GLN B 257 -4.27 16.21 2.77
C GLN B 257 -4.75 15.21 1.72
N LYS B 258 -4.60 15.57 0.45
CA LYS B 258 -4.97 14.67 -0.61
C LYS B 258 -4.16 13.36 -0.59
N LEU B 259 -2.86 13.48 -0.34
CA LEU B 259 -2.01 12.26 -0.22
C LEU B 259 -2.50 11.37 0.93
N VAL B 260 -2.85 12.00 2.06
CA VAL B 260 -3.49 11.28 3.19
C VAL B 260 -4.77 10.55 2.83
N GLN B 261 -5.67 11.25 2.16
CA GLN B 261 -6.96 10.69 1.84
C GLN B 261 -6.80 9.58 0.77
N ALA B 262 -5.84 9.74 -0.13
CA ALA B 262 -5.57 8.69 -1.11
C ALA B 262 -5.00 7.48 -0.37
N LYS B 263 -4.12 7.74 0.59
CA LYS B 263 -3.51 6.64 1.38
C LYS B 263 -4.54 5.82 2.16
N GLN B 264 -5.52 6.50 2.74
CA GLN B 264 -6.62 5.81 3.40
C GLN B 264 -7.21 4.71 2.51
N GLY B 265 -7.45 5.06 1.25
CA GLY B 265 -8.01 4.11 0.30
C GLY B 265 -7.05 3.05 -0.21
N ALA B 266 -5.75 3.37 -0.14
CA ALA B 266 -4.69 2.48 -0.61
C ALA B 266 -4.35 1.34 0.37
N ASP B 267 -4.25 1.64 1.66
CA ASP B 267 -3.87 0.59 2.65
C ASP B 267 -4.28 0.86 4.11
N LEU B 268 -5.12 1.87 4.29
CA LEU B 268 -5.49 2.45 5.62
C LEU B 268 -4.30 3.17 6.25
N HIS B 269 -3.31 2.40 6.69
CA HIS B 269 -2.12 2.95 7.30
C HIS B 269 -0.94 1.98 7.12
N THR B 270 0.26 2.53 7.12
CA THR B 270 1.50 1.77 7.27
C THR B 270 1.52 1.00 8.62
N PRO B 271 1.94 -0.27 8.57
CA PRO B 271 1.93 -1.03 9.84
C PRO B 271 2.66 -0.32 10.95
N MET B 272 2.06 -0.38 12.14
CA MET B 272 2.53 0.35 13.29
CA MET B 272 2.56 0.39 13.24
C MET B 272 3.83 -0.19 13.87
N LEU B 273 3.88 -1.52 14.01
CA LEU B 273 5.11 -2.19 14.47
C LEU B 273 6.36 -1.68 13.73
N ASN B 274 6.23 -1.56 12.41
CA ASN B 274 7.35 -1.23 11.52
C ASN B 274 7.78 0.22 11.75
N GLN B 275 6.80 1.11 11.90
CA GLN B 275 7.07 2.52 12.19
C GLN B 275 7.75 2.69 13.54
N MET B 276 7.21 2.01 14.53
CA MET B 276 7.76 2.06 15.90
C MET B 276 9.19 1.49 15.93
N LEU B 277 9.42 0.44 15.16
CA LEU B 277 10.73 -0.24 15.13
C LEU B 277 11.79 0.65 14.49
N VAL B 278 11.41 1.30 13.39
CA VAL B 278 12.25 2.31 12.78
C VAL B 278 12.61 3.43 13.76
N HIS B 279 11.61 3.93 14.49
CA HIS B 279 11.90 5.01 15.43
C HIS B 279 12.81 4.53 16.58
N GLU B 280 12.55 3.34 17.10
CA GLU B 280 13.39 2.79 18.17
C GLU B 280 14.84 2.59 17.74
N LEU B 281 15.04 2.12 16.50
CA LEU B 281 16.38 1.88 16.01
C LEU B 281 17.20 3.15 15.74
N LEU B 282 16.52 4.25 15.40
CA LEU B 282 17.21 5.44 14.89
C LEU B 282 17.23 6.64 15.79
N LYS B 283 16.47 6.58 16.88
CA LYS B 283 16.36 7.74 17.78
C LYS B 283 17.67 8.09 18.50
N GLU B 284 18.55 7.09 18.61
CA GLU B 284 19.93 7.32 19.06
C GLU B 284 20.96 6.72 18.10
N GLY B 285 21.95 7.51 17.76
CA GLY B 285 23.05 7.04 16.93
C GLY B 285 22.82 7.08 15.42
N PHE B 286 21.75 7.75 14.99
CA PHE B 286 21.45 7.81 13.54
C PHE B 286 22.62 8.39 12.72
N SER B 287 23.19 9.52 13.14
CA SER B 287 24.34 10.12 12.40
C SER B 287 25.48 9.14 12.22
N GLU B 288 25.83 8.44 13.31
CA GLU B 288 26.89 7.43 13.31
C GLU B 288 26.57 6.26 12.36
N ARG B 289 25.32 5.80 12.37
CA ARG B 289 24.87 4.78 11.41
C ARG B 289 25.01 5.25 9.95
N LEU B 290 24.59 6.48 9.69
CA LEU B 290 24.64 7.03 8.32
C LEU B 290 26.08 7.14 7.81
N GLU B 291 27.00 7.47 8.71
CA GLU B 291 28.41 7.48 8.37
C GLU B 291 28.87 6.07 7.96
N ARG B 292 28.44 5.05 8.69
CA ARG B 292 28.80 3.68 8.35
C ARG B 292 28.24 3.28 6.99
N VAL B 293 26.97 3.61 6.73
CA VAL B 293 26.41 3.18 5.43
C VAL B 293 27.10 3.89 4.27
N ARG B 294 27.47 5.15 4.46
CA ARG B 294 28.25 5.86 3.43
C ARG B 294 29.59 5.17 3.17
N ARG B 295 30.29 4.81 4.25
CA ARG B 295 31.57 4.12 4.14
C ARG B 295 31.43 2.83 3.34
N VAL B 296 30.45 2.01 3.71
CA VAL B 296 30.19 0.72 3.04
C VAL B 296 29.94 0.86 1.53
N TYR B 297 29.07 1.78 1.16
CA TYR B 297 28.78 1.99 -0.25
C TYR B 297 29.91 2.66 -1.03
N ARG B 298 30.65 3.56 -0.38
CA ARG B 298 31.83 4.16 -0.99
C ARG B 298 32.81 3.07 -1.36
N GLU B 299 33.09 2.18 -0.42
CA GLU B 299 34.01 1.03 -0.64
C GLU B 299 33.56 0.12 -1.77
N LYS B 300 32.26 -0.16 -1.83
CA LYS B 300 31.71 -1.01 -2.90
C LYS B 300 31.80 -0.31 -4.25
N ALA B 301 31.50 0.99 -4.28
CA ALA B 301 31.63 1.80 -5.49
C ALA B 301 33.07 1.79 -6.00
N GLN B 302 34.03 1.91 -5.07
CA GLN B 302 35.47 1.97 -5.41
C GLN B 302 35.91 0.67 -6.05
N ALA B 303 35.49 -0.45 -5.44
CA ALA B 303 35.73 -1.78 -5.98
C ALA B 303 35.10 -1.94 -7.37
N MET B 304 33.85 -1.50 -7.52
CA MET B 304 33.13 -1.57 -8.78
C MET B 304 33.84 -0.80 -9.90
N LEU B 305 34.26 0.42 -9.60
CA LEU B 305 34.91 1.25 -10.61
C LEU B 305 36.27 0.68 -11.05
N HIS B 306 37.02 0.17 -10.06
CA HIS B 306 38.32 -0.44 -10.32
CA HIS B 306 38.32 -0.42 -10.33
C HIS B 306 38.18 -1.66 -11.22
N ALA B 307 37.16 -2.48 -10.94
CA ALA B 307 36.89 -3.66 -11.74
C ALA B 307 36.44 -3.31 -13.16
N LEU B 308 35.56 -2.32 -13.29
CA LEU B 308 35.11 -1.86 -14.62
C LEU B 308 36.28 -1.30 -15.46
N ASP B 309 37.12 -0.49 -14.83
CA ASP B 309 38.30 0.06 -15.49
C ASP B 309 39.19 -1.06 -16.04
N ARG B 310 39.36 -2.10 -15.24
CA ARG B 310 40.16 -3.28 -15.61
C ARG B 310 39.52 -4.14 -16.70
N GLU B 311 38.23 -4.46 -16.57
CA GLU B 311 37.61 -5.55 -17.35
C GLU B 311 36.83 -5.17 -18.59
N VAL B 312 36.39 -3.91 -18.67
CA VAL B 312 35.46 -3.45 -19.70
C VAL B 312 36.25 -2.79 -20.81
N PRO B 313 35.97 -3.15 -22.08
CA PRO B 313 36.62 -2.56 -23.25
C PRO B 313 36.30 -1.06 -23.33
N LYS B 314 37.26 -0.27 -23.79
CA LYS B 314 37.09 1.16 -23.61
C LYS B 314 36.14 1.83 -24.63
N GLU B 315 35.56 1.03 -25.54
CA GLU B 315 34.45 1.50 -26.40
C GLU B 315 33.14 1.64 -25.62
N VAL B 316 33.07 0.95 -24.48
CA VAL B 316 31.89 0.97 -23.62
C VAL B 316 32.05 2.12 -22.62
N ARG B 317 30.98 2.88 -22.41
CA ARG B 317 31.00 4.01 -21.53
C ARG B 317 30.20 3.70 -20.27
N TYR B 318 30.62 4.25 -19.13
CA TYR B 318 29.84 4.11 -17.86
C TYR B 318 30.06 5.27 -16.92
N THR B 319 29.02 5.56 -16.13
CA THR B 319 29.02 6.68 -15.21
C THR B 319 29.91 6.35 -14.01
N ARG B 320 30.37 7.40 -13.32
CA ARG B 320 31.22 7.24 -12.15
C ARG B 320 30.51 7.94 -10.99
N PRO B 321 29.89 7.15 -10.09
CA PRO B 321 29.00 7.75 -9.08
C PRO B 321 29.75 8.49 -7.98
N LYS B 322 29.13 9.54 -7.44
CA LYS B 322 29.67 10.24 -6.27
C LYS B 322 28.78 9.95 -5.07
N GLY B 323 27.96 8.90 -5.21
CA GLY B 323 27.03 8.50 -4.18
C GLY B 323 26.06 7.45 -4.67
N GLY B 324 25.18 7.00 -3.78
CA GLY B 324 24.13 6.05 -4.17
C GLY B 324 24.67 4.67 -4.49
N MET B 325 23.95 3.95 -5.33
CA MET B 325 24.11 2.50 -5.44
C MET B 325 24.40 1.98 -6.84
N PHE B 326 24.44 2.87 -7.83
CA PHE B 326 24.38 2.50 -9.27
C PHE B 326 25.50 3.05 -10.18
N VAL B 327 25.85 2.21 -11.16
CA VAL B 327 26.65 2.59 -12.33
C VAL B 327 25.76 2.36 -13.56
N TRP B 328 25.79 3.32 -14.46
CA TRP B 328 24.96 3.27 -15.64
C TRP B 328 25.89 3.15 -16.84
N MET B 329 25.63 2.11 -17.64
CA MET B 329 26.48 1.73 -18.75
C MET B 329 25.81 1.87 -20.12
N GLU B 330 26.60 2.34 -21.10
CA GLU B 330 26.09 2.62 -22.43
C GLU B 330 26.95 1.86 -23.43
N LEU B 331 26.31 0.98 -24.17
CA LEU B 331 27.00 0.11 -25.11
C LEU B 331 26.99 0.78 -26.48
N PRO B 332 28.02 0.49 -27.32
CA PRO B 332 27.98 1.00 -28.69
C PRO B 332 26.57 0.88 -29.27
N LYS B 333 26.00 2.01 -29.69
CA LYS B 333 24.65 2.03 -30.21
C LYS B 333 24.55 1.05 -31.38
N GLY B 334 23.82 -0.04 -31.12
CA GLY B 334 23.72 -1.17 -32.01
C GLY B 334 23.65 -2.44 -31.18
N LEU B 335 24.46 -2.50 -30.12
CA LEU B 335 24.49 -3.64 -29.22
C LEU B 335 23.30 -3.64 -28.26
N SER B 336 22.70 -4.81 -28.07
CA SER B 336 21.48 -4.93 -27.28
C SER B 336 21.82 -5.32 -25.84
N ALA B 337 21.33 -4.54 -24.87
CA ALA B 337 21.49 -4.91 -23.45
C ALA B 337 20.75 -6.20 -23.06
N GLU B 338 19.62 -6.46 -23.71
CA GLU B 338 18.86 -7.71 -23.46
C GLU B 338 19.69 -8.91 -23.93
N GLY B 339 20.36 -8.76 -25.06
CA GLY B 339 21.23 -9.84 -25.57
C GLY B 339 22.39 -10.03 -24.59
N LEU B 340 22.99 -8.93 -24.18
CA LEU B 340 24.03 -9.00 -23.16
C LEU B 340 23.56 -9.65 -21.86
N PHE B 341 22.33 -9.37 -21.44
CA PHE B 341 21.76 -9.95 -20.22
C PHE B 341 21.69 -11.47 -20.30
N ARG B 342 21.28 -11.99 -21.46
CA ARG B 342 21.18 -13.43 -21.68
C ARG B 342 22.53 -14.11 -21.46
N ARG B 343 23.56 -13.54 -22.06
CA ARG B 343 24.93 -14.04 -21.97
C ARG B 343 25.45 -13.98 -20.54
N ALA B 344 25.21 -12.87 -19.85
CA ALA B 344 25.71 -12.70 -18.50
C ALA B 344 25.02 -13.68 -17.55
N LEU B 345 23.73 -13.92 -17.77
CA LEU B 345 22.93 -14.80 -16.89
C LEU B 345 23.44 -16.24 -16.99
N GLU B 346 23.89 -16.64 -18.18
CA GLU B 346 24.53 -17.95 -18.36
C GLU B 346 25.79 -18.10 -17.51
N GLU B 347 26.46 -16.98 -17.21
CA GLU B 347 27.62 -16.95 -16.32
C GLU B 347 27.26 -16.56 -14.88
N ASN B 348 25.95 -16.62 -14.59
CA ASN B 348 25.41 -16.37 -13.25
C ASN B 348 25.51 -14.93 -12.78
N VAL B 349 25.55 -14.01 -13.74
CA VAL B 349 25.60 -12.58 -13.42
C VAL B 349 24.31 -11.90 -13.87
N ALA B 350 23.65 -11.17 -12.96
CA ALA B 350 22.40 -10.47 -13.29
C ALA B 350 22.57 -8.95 -13.25
N PHE B 351 22.04 -8.24 -14.26
CA PHE B 351 21.94 -6.79 -14.16
C PHE B 351 20.57 -6.37 -14.66
N VAL B 352 20.26 -5.08 -14.59
CA VAL B 352 18.98 -4.62 -15.13
C VAL B 352 19.19 -3.97 -16.49
N PRO B 353 18.67 -4.61 -17.55
CA PRO B 353 18.70 -3.99 -18.88
C PRO B 353 18.03 -2.63 -18.80
N GLY B 354 18.55 -1.67 -19.59
CA GLY B 354 18.18 -0.24 -19.44
C GLY B 354 16.87 0.21 -20.05
N GLY B 355 16.36 -0.55 -21.02
CA GLY B 355 15.13 -0.16 -21.75
C GLY B 355 13.98 0.34 -20.87
N PRO B 356 13.57 -0.43 -19.85
CA PRO B 356 12.43 -0.06 -19.01
C PRO B 356 12.61 1.18 -18.13
N PHE B 357 13.82 1.73 -18.08
CA PHE B 357 14.01 3.02 -17.42
C PHE B 357 13.69 4.22 -18.31
N PHE B 358 13.33 3.97 -19.57
CA PHE B 358 13.00 5.03 -20.53
C PHE B 358 11.49 5.02 -20.77
N ALA B 359 10.78 6.06 -20.30
CA ALA B 359 9.31 6.03 -20.26
C ALA B 359 8.69 5.97 -21.66
N ASN B 360 9.37 6.54 -22.66
CA ASN B 360 8.90 6.51 -24.06
C ASN B 360 9.72 5.58 -24.95
N GLY B 361 10.53 4.72 -24.34
CA GLY B 361 11.31 3.74 -25.08
C GLY B 361 12.71 4.21 -25.41
N GLY B 362 13.43 3.40 -26.19
CA GLY B 362 14.82 3.66 -26.50
C GLY B 362 15.67 3.07 -25.41
N GLY B 363 16.92 3.47 -25.38
CA GLY B 363 17.87 2.97 -24.39
C GLY B 363 18.09 1.47 -24.43
N GLU B 364 17.84 0.85 -25.59
CA GLU B 364 18.04 -0.61 -25.71
C GLU B 364 19.52 -1.03 -25.60
N ASN B 365 20.41 -0.05 -25.66
CA ASN B 365 21.83 -0.24 -25.57
C ASN B 365 22.42 0.21 -24.23
N THR B 366 21.58 0.31 -23.21
CA THR B 366 22.02 0.76 -21.90
C THR B 366 21.67 -0.30 -20.87
N LEU B 367 22.32 -0.22 -19.71
CA LEU B 367 22.03 -1.13 -18.62
C LEU B 367 22.44 -0.49 -17.31
N ARG B 368 21.77 -0.92 -16.24
CA ARG B 368 22.10 -0.45 -14.90
C ARG B 368 22.80 -1.54 -14.10
N LEU B 369 23.86 -1.14 -13.40
CA LEU B 369 24.59 -2.00 -12.50
C LEU B 369 24.53 -1.49 -11.06
N SER B 370 24.09 -2.36 -10.14
CA SER B 370 24.11 -2.01 -8.72
C SER B 370 25.26 -2.71 -8.00
N TYR B 371 26.05 -1.93 -7.29
CA TYR B 371 27.14 -2.46 -6.46
C TYR B 371 26.75 -2.60 -4.99
N ALA B 372 25.45 -2.52 -4.70
CA ALA B 372 24.97 -2.48 -3.31
C ALA B 372 25.06 -3.81 -2.59
N THR B 373 24.87 -4.90 -3.34
CA THR B 373 24.60 -6.20 -2.72
C THR B 373 25.83 -7.05 -2.51
N LEU B 374 26.72 -7.10 -3.51
CA LEU B 374 27.85 -8.01 -3.48
C LEU B 374 29.01 -7.49 -2.63
N ASP B 375 29.84 -8.42 -2.15
CA ASP B 375 31.08 -8.08 -1.47
C ASP B 375 32.14 -7.75 -2.52
N ARG B 376 33.30 -7.28 -2.04
CA ARG B 376 34.43 -6.93 -2.89
C ARG B 376 34.81 -8.02 -3.90
N GLU B 377 34.88 -9.26 -3.41
CA GLU B 377 35.23 -10.43 -4.22
C GLU B 377 34.21 -10.68 -5.33
N GLY B 378 32.93 -10.68 -4.96
CA GLY B 378 31.82 -10.89 -5.91
C GLY B 378 31.73 -9.78 -6.94
N ILE B 379 32.00 -8.56 -6.52
CA ILE B 379 32.00 -7.45 -7.47
C ILE B 379 33.08 -7.66 -8.56
N ALA B 380 34.31 -7.94 -8.10
CA ALA B 380 35.44 -8.12 -9.02
C ALA B 380 35.21 -9.31 -9.96
N GLU B 381 34.74 -10.42 -9.42
CA GLU B 381 34.46 -11.59 -10.24
C GLU B 381 33.24 -11.39 -11.17
N GLY B 382 32.17 -10.79 -10.64
CA GLY B 382 31.00 -10.49 -11.46
C GLY B 382 31.34 -9.58 -12.64
N VAL B 383 32.17 -8.58 -12.38
CA VAL B 383 32.55 -7.62 -13.42
C VAL B 383 33.51 -8.28 -14.41
N ARG B 384 34.39 -9.13 -13.91
CA ARG B 384 35.25 -9.95 -14.79
C ARG B 384 34.41 -10.75 -15.79
N ARG B 385 33.38 -11.45 -15.29
CA ARG B 385 32.46 -12.22 -16.12
C ARG B 385 31.70 -11.34 -17.10
N LEU B 386 31.25 -10.19 -16.61
CA LEU B 386 30.56 -9.23 -17.45
C LEU B 386 31.46 -8.74 -18.59
N GLY B 387 32.72 -8.44 -18.29
CA GLY B 387 33.67 -7.95 -19.30
C GLY B 387 33.85 -8.98 -20.42
N ARG B 388 34.00 -10.23 -20.02
CA ARG B 388 34.12 -11.31 -20.98
C ARG B 388 32.87 -11.42 -21.88
N ALA B 389 31.68 -11.32 -21.27
CA ALA B 389 30.45 -11.41 -22.04
C ALA B 389 30.36 -10.24 -23.00
N LEU B 390 30.74 -9.06 -22.50
CA LEU B 390 30.78 -7.80 -23.27
C LEU B 390 31.70 -7.92 -24.49
N LYS B 391 32.93 -8.38 -24.25
CA LYS B 391 33.91 -8.61 -25.33
C LYS B 391 33.41 -9.56 -26.41
N GLY B 392 32.73 -10.62 -25.97
CA GLY B 392 32.17 -11.61 -26.88
C GLY B 392 31.13 -11.01 -27.78
N LEU B 393 30.26 -10.19 -27.19
CA LEU B 393 29.14 -9.65 -27.95
C LEU B 393 29.53 -8.48 -28.83
N LEU B 394 30.53 -7.70 -28.41
CA LEU B 394 31.13 -6.67 -29.25
C LEU B 394 31.74 -7.26 -30.53
N ALA B 395 32.21 -8.49 -30.46
CA ALA B 395 32.84 -9.13 -31.61
C ALA B 395 31.82 -9.52 -32.67
N LEU B 396 30.60 -9.82 -32.25
CA LEU B 396 29.58 -10.38 -33.14
C LEU B 396 28.53 -9.34 -33.55
OAM N5F C . -7.39 -4.42 7.79
PAT N5F C . -7.90 -4.60 6.33
OAZ N5F C . -7.88 -6.10 5.89
OAU N5F C . -7.22 -3.68 5.35
OAS N5F C . -9.43 -4.17 6.55
CAR N5F C . -10.15 -3.44 5.55
CAQ N5F C . -11.59 -3.93 5.43
CAY N5F C . -11.90 -4.63 4.26
NAX N5F C . -13.12 -5.11 4.08
CAW N5F C . -14.11 -4.93 4.93
CAV N5F C . -15.49 -5.51 4.60
CAO N5F C . -13.87 -4.23 6.12
OAN N5F C . -14.86 -4.10 7.02
CAP N5F C . -12.58 -3.73 6.41
CAK N5F C . -12.24 -2.92 7.70
N N5F C . -13.32 -2.99 8.70
CA N5F C . -13.32 -2.15 9.92
C N5F C . -14.38 -1.04 9.89
OXT N5F C . -15.04 -0.88 8.83
O N5F C . -14.49 -0.36 10.92
CB N5F C . -11.92 -1.72 10.42
CAG N5F C . -11.44 -0.38 9.81
CAH N5F C . -10.79 0.45 10.93
CAI N5F C . -10.13 1.76 10.47
OAB N5F C . -9.68 2.48 11.40
OAJ N5F C . -10.12 2.03 9.25
OAM N5F D . 11.74 1.04 -0.72
PAT N5F D . 11.00 2.26 -1.34
OAZ N5F D . 11.22 3.55 -0.49
OAU N5F D . 9.56 2.03 -1.64
OAS N5F D . 11.89 2.39 -2.66
CAR N5F D . 11.33 2.63 -3.96
CAQ N5F D . 12.24 3.59 -4.71
CAY N5F D . 11.82 4.92 -4.80
NAX N5F D . 12.57 5.84 -5.40
CAW N5F D . 13.69 5.53 -6.05
CAV N5F D . 14.52 6.61 -6.77
CAO N5F D . 14.17 4.21 -6.00
OAN N5F D . 15.35 3.91 -6.60
CAP N5F D . 13.44 3.20 -5.35
CAK N5F D . 13.95 1.72 -5.32
N N5F D . 15.40 1.61 -5.58
CA N5F D . 15.95 0.23 -5.81
C N5F D . 16.11 -0.15 -7.30
OXT N5F D . 16.66 -1.24 -7.58
O N5F D . 15.69 0.67 -8.14
CB N5F D . 15.22 -0.87 -4.98
CAG N5F D . 14.09 -1.62 -5.72
CAH N5F D . 14.26 -3.12 -5.45
CAI N5F D . 13.03 -3.97 -5.86
OAB N5F D . 11.98 -3.41 -6.23
OAJ N5F D . 13.20 -5.20 -5.78
#